data_2AZ1
#
_entry.id   2AZ1
#
_cell.length_a   69.280
_cell.length_b   108.700
_cell.length_c   119.650
_cell.angle_alpha   90.00
_cell.angle_beta   90.00
_cell.angle_gamma   90.00
#
_symmetry.space_group_name_H-M   'P 21 21 21'
#
loop_
_entity.id
_entity.type
_entity.pdbx_description
1 polymer 'Nucleoside diphosphate kinase'
2 non-polymer 'CALCIUM ION'
3 water water
#
_entity_poly.entity_id   1
_entity_poly.type   'polypeptide(L)'
_entity_poly.pdbx_seq_one_letter_code
;MGSSHHHHHHSSGLVPRGSHMTDHDERTFVMVKPDGVQRGLIGDIVTRLETKGLKMVGGKFMRIDEELAHEHYAEHEDKP
FFDGLVSFITSGPVFAMVWEGADATRQVRQLMGATDAQDAAPGTIRGDYGNDLGHNLIHGSDHEDEGANEREIALFFDDD
ELVDWDRDASAWVYEDLADHD
;
_entity_poly.pdbx_strand_id   A,B,C,D,E,F
#
loop_
_chem_comp.id
_chem_comp.type
_chem_comp.name
_chem_comp.formula
CA non-polymer 'CALCIUM ION' 'Ca 2'
#
# COMPACT_ATOMS: atom_id res chain seq x y z
N HIS A 24 -20.18 22.68 -2.05
CA HIS A 24 -19.42 21.58 -2.69
C HIS A 24 -18.27 22.08 -3.57
N ASP A 25 -18.29 23.37 -3.88
CA ASP A 25 -17.23 24.04 -4.62
C ASP A 25 -16.19 24.67 -3.72
N GLU A 26 -16.25 24.42 -2.41
CA GLU A 26 -15.17 24.93 -1.53
C GLU A 26 -13.79 24.42 -1.99
N ARG A 27 -12.80 25.29 -1.92
CA ARG A 27 -11.47 25.00 -2.41
C ARG A 27 -10.44 25.38 -1.38
N THR A 28 -9.40 24.56 -1.26
CA THR A 28 -8.31 24.82 -0.33
C THR A 28 -7.02 24.69 -1.10
N PHE A 29 -5.97 25.31 -0.56
CA PHE A 29 -4.67 25.28 -1.18
C PHE A 29 -3.85 24.39 -0.31
N VAL A 30 -3.02 23.56 -0.96
CA VAL A 30 -2.28 22.51 -0.32
C VAL A 30 -1.00 22.35 -1.06
N MET A 31 0.07 22.12 -0.30
CA MET A 31 1.41 22.18 -0.85
C MET A 31 2.23 21.05 -0.23
N VAL A 32 2.89 20.25 -1.04
CA VAL A 32 3.90 19.38 -0.55
C VAL A 32 5.19 20.21 -0.44
N LYS A 33 5.63 20.39 0.81
CA LYS A 33 6.79 21.23 1.12
C LYS A 33 8.15 20.54 0.68
N PRO A 34 9.24 21.32 0.63
CA PRO A 34 10.52 20.83 0.10
C PRO A 34 10.92 19.50 0.69
N ASP A 35 10.75 19.35 2.00
CA ASP A 35 11.02 18.13 2.70
C ASP A 35 10.22 16.93 2.22
N GLY A 36 8.95 17.11 1.85
CA GLY A 36 8.15 16.01 1.33
C GLY A 36 8.49 15.64 -0.09
N VAL A 37 8.80 16.66 -0.86
CA VAL A 37 9.32 16.42 -2.20
C VAL A 37 10.65 15.62 -2.12
N GLN A 38 11.50 15.96 -1.18
CA GLN A 38 12.84 15.36 -1.14
C GLN A 38 12.73 13.88 -0.76
N ARG A 39 11.83 13.57 0.17
CA ARG A 39 11.62 12.22 0.65
C ARG A 39 10.72 11.34 -0.26
N GLY A 40 10.25 11.89 -1.39
CA GLY A 40 9.47 11.16 -2.38
C GLY A 40 8.10 10.74 -1.86
N LEU A 41 7.36 11.71 -1.35
CA LEU A 41 6.03 11.48 -0.81
C LEU A 41 5.00 12.33 -1.53
N ILE A 42 5.35 12.91 -2.66
CA ILE A 42 4.33 13.61 -3.47
C ILE A 42 3.19 12.65 -3.74
N GLY A 43 3.45 11.48 -4.35
CA GLY A 43 2.42 10.48 -4.63
C GLY A 43 1.55 10.01 -3.45
N ASP A 44 2.22 9.61 -2.38
CA ASP A 44 1.54 9.15 -1.17
C ASP A 44 0.51 10.16 -0.72
N ILE A 45 0.92 11.43 -0.71
CA ILE A 45 0.06 12.55 -0.29
C ILE A 45 -1.11 12.82 -1.23
N VAL A 46 -0.86 12.86 -2.54
CA VAL A 46 -1.96 12.99 -3.51
C VAL A 46 -2.99 11.87 -3.33
N THR A 47 -2.50 10.65 -3.22
CA THR A 47 -3.28 9.42 -2.97
C THR A 47 -4.13 9.57 -1.77
N ARG A 48 -3.57 10.16 -0.78
CA ARG A 48 -4.33 10.34 0.40
C ARG A 48 -5.49 11.30 0.15
N LEU A 49 -5.32 12.29 -0.72
CA LEU A 49 -6.39 13.29 -0.92
C LEU A 49 -7.46 12.88 -1.94
N GLU A 50 -7.08 12.17 -3.01
CA GLU A 50 -8.06 11.60 -3.92
C GLU A 50 -8.72 10.42 -3.25
N THR A 51 -7.97 9.70 -2.41
CA THR A 51 -8.61 8.61 -1.68
C THR A 51 -9.76 9.12 -0.77
N LYS A 52 -9.60 10.33 -0.20
CA LYS A 52 -10.63 10.98 0.63
C LYS A 52 -11.90 11.38 -0.15
N GLY A 53 -11.80 11.60 -1.46
CA GLY A 53 -12.95 11.95 -2.29
C GLY A 53 -12.88 13.34 -2.89
N LEU A 54 -11.77 14.02 -2.63
CA LEU A 54 -11.57 15.38 -3.01
C LEU A 54 -11.01 15.42 -4.42
N LYS A 55 -11.30 16.50 -5.12
CA LYS A 55 -11.06 16.65 -6.53
C LYS A 55 -9.89 17.59 -6.69
N MET A 56 -8.83 17.16 -7.40
CA MET A 56 -7.71 18.05 -7.66
C MET A 56 -8.15 18.96 -8.79
N VAL A 57 -8.00 20.27 -8.63
CA VAL A 57 -8.32 21.24 -9.69
C VAL A 57 -7.13 22.11 -10.08
N GLY A 58 -6.04 22.00 -9.35
CA GLY A 58 -4.78 22.54 -9.81
C GLY A 58 -3.61 21.84 -9.17
N GLY A 59 -2.48 21.90 -9.86
CA GLY A 59 -1.31 21.16 -9.45
C GLY A 59 -0.12 21.64 -10.22
N LYS A 60 0.81 22.26 -9.52
CA LYS A 60 1.99 22.83 -10.13
C LYS A 60 3.23 22.42 -9.34
N PHE A 61 4.18 21.87 -10.06
CA PHE A 61 5.50 21.63 -9.49
C PHE A 61 6.38 22.87 -9.81
N MET A 62 6.78 23.58 -8.76
CA MET A 62 7.48 24.86 -8.87
C MET A 62 8.52 25.09 -7.76
N ARG A 63 9.46 26.01 -8.03
CA ARG A 63 10.23 26.60 -6.95
C ARG A 63 9.57 27.90 -6.51
N ILE A 64 9.52 28.11 -5.19
CA ILE A 64 8.94 29.29 -4.58
C ILE A 64 10.03 30.39 -4.48
N ASP A 65 9.78 31.55 -5.11
CA ASP A 65 10.72 32.71 -5.02
C ASP A 65 10.71 33.38 -3.63
N GLU A 66 11.73 34.18 -3.36
CA GLU A 66 11.86 34.86 -2.08
C GLU A 66 10.69 35.83 -1.81
N GLU A 67 10.04 36.37 -2.83
CA GLU A 67 8.96 37.31 -2.57
C GLU A 67 7.62 36.61 -2.36
N LEU A 68 7.36 35.56 -3.12
CA LEU A 68 6.17 34.71 -2.92
C LEU A 68 6.20 34.17 -1.50
N ALA A 69 7.34 33.62 -1.11
CA ALA A 69 7.59 33.22 0.27
C ALA A 69 7.34 34.33 1.33
N HIS A 70 7.88 35.58 1.16
CA HIS A 70 7.61 36.66 2.15
C HIS A 70 6.08 36.87 2.18
N GLU A 71 5.46 36.96 1.00
CA GLU A 71 4.00 37.13 0.93
C GLU A 71 3.27 35.96 1.64
N HIS A 72 3.71 34.71 1.39
CA HIS A 72 3.08 33.54 2.02
C HIS A 72 3.14 33.53 3.54
N TYR A 73 4.33 33.82 4.10
CA TYR A 73 4.54 33.89 5.54
C TYR A 73 4.43 35.31 6.15
N ALA A 74 3.76 36.22 5.42
CA ALA A 74 3.66 37.64 5.82
C ALA A 74 3.27 37.88 7.26
N GLU A 75 2.42 37.02 7.80
CA GLU A 75 1.91 37.22 9.16
C GLU A 75 2.99 36.98 10.23
N HIS A 76 4.14 36.46 9.82
CA HIS A 76 5.26 36.10 10.72
C HIS A 76 6.45 37.00 10.43
N GLU A 77 6.20 38.15 9.84
CA GLU A 77 7.23 39.14 9.53
C GLU A 77 7.98 39.66 10.80
N ASP A 78 7.25 39.83 11.90
CA ASP A 78 7.85 40.34 13.15
C ASP A 78 8.72 39.30 13.89
N LYS A 79 8.69 38.04 13.43
CA LYS A 79 9.06 36.88 14.26
C LYS A 79 10.50 36.35 14.03
N PRO A 80 11.10 35.78 15.09
CA PRO A 80 12.49 35.30 15.04
C PRO A 80 12.60 34.10 14.12
N PHE A 81 11.55 33.27 14.09
CA PHE A 81 11.49 32.07 13.25
C PHE A 81 11.03 32.34 11.78
N PHE A 82 11.24 33.55 11.25
CA PHE A 82 10.78 33.94 9.87
C PHE A 82 11.88 33.83 8.81
N ASP A 83 13.13 33.82 9.24
CA ASP A 83 14.23 33.67 8.29
C ASP A 83 14.28 32.23 7.84
N GLY A 84 14.21 31.33 8.82
CA GLY A 84 14.32 29.89 8.59
C GLY A 84 13.21 29.35 7.72
N LEU A 85 11.95 29.53 8.17
CA LEU A 85 10.78 29.35 7.31
C LEU A 85 11.05 29.65 5.83
N VAL A 86 11.42 30.89 5.52
CA VAL A 86 11.66 31.33 4.14
C VAL A 86 12.79 30.58 3.43
N SER A 87 13.88 30.34 4.16
CA SER A 87 15.00 29.52 3.70
C SER A 87 14.49 28.13 3.41
N PHE A 88 13.75 27.58 4.37
CA PHE A 88 13.16 26.27 4.20
C PHE A 88 12.30 26.17 2.91
N ILE A 89 11.32 27.06 2.78
CA ILE A 89 10.30 26.81 1.78
C ILE A 89 10.82 27.03 0.39
N THR A 90 11.94 27.72 0.31
CA THR A 90 12.57 27.99 -0.98
C THR A 90 13.82 27.07 -1.20
N SER A 91 14.11 26.20 -0.22
CA SER A 91 15.20 25.22 -0.28
C SER A 91 15.02 24.03 -1.22
N GLY A 92 13.91 23.98 -1.97
CA GLY A 92 13.77 22.99 -3.04
C GLY A 92 12.38 23.13 -3.60
N PRO A 93 12.02 22.42 -4.66
CA PRO A 93 10.70 22.58 -5.22
C PRO A 93 9.61 22.09 -4.31
N VAL A 94 8.40 22.62 -4.56
CA VAL A 94 7.19 22.18 -3.91
C VAL A 94 6.26 21.72 -4.97
N PHE A 95 5.28 20.93 -4.54
CA PHE A 95 4.20 20.59 -5.39
C PHE A 95 2.99 21.28 -4.79
N ALA A 96 2.57 22.35 -5.47
CA ALA A 96 1.41 23.18 -5.04
C ALA A 96 0.17 22.63 -5.63
N MET A 97 -0.92 22.69 -4.89
CA MET A 97 -2.16 22.15 -5.35
C MET A 97 -3.39 22.95 -4.88
N VAL A 98 -4.50 22.80 -5.59
CA VAL A 98 -5.80 23.16 -5.06
C VAL A 98 -6.67 21.95 -5.06
N TRP A 99 -7.35 21.73 -3.95
CA TRP A 99 -8.36 20.67 -3.92
C TRP A 99 -9.79 21.19 -3.67
N GLU A 100 -10.76 20.53 -4.29
CA GLU A 100 -12.16 20.94 -4.26
C GLU A 100 -12.96 19.84 -3.64
N GLY A 101 -13.94 20.22 -2.81
CA GLY A 101 -14.84 19.27 -2.21
C GLY A 101 -15.65 19.88 -1.09
N ALA A 102 -16.56 19.09 -0.54
CA ALA A 102 -17.42 19.63 0.46
C ALA A 102 -16.51 19.84 1.63
N ASP A 103 -16.48 21.07 2.09
CA ASP A 103 -15.81 21.35 3.34
C ASP A 103 -14.31 21.03 3.20
N ALA A 104 -13.79 21.19 1.99
CA ALA A 104 -12.42 20.85 1.62
C ALA A 104 -11.34 21.27 2.61
N THR A 105 -11.42 22.50 3.11
CA THR A 105 -10.37 23.16 3.84
C THR A 105 -10.10 22.49 5.16
N ARG A 106 -11.17 22.32 5.92
CA ARG A 106 -11.03 21.63 7.18
C ARG A 106 -10.65 20.16 6.95
N GLN A 107 -11.27 19.52 5.98
CA GLN A 107 -10.96 18.13 5.67
C GLN A 107 -9.47 17.87 5.51
N VAL A 108 -8.78 18.74 4.75
CA VAL A 108 -7.34 18.65 4.50
C VAL A 108 -6.50 18.93 5.74
N ARG A 109 -6.94 19.90 6.53
CA ARG A 109 -6.39 20.06 7.88
C ARG A 109 -6.63 18.86 8.78
N GLN A 110 -7.69 18.08 8.62
CA GLN A 110 -7.80 16.90 9.51
C GLN A 110 -6.86 15.75 9.12
N LEU A 111 -6.61 15.59 7.85
CA LEU A 111 -5.79 14.51 7.36
C LEU A 111 -4.36 14.88 7.52
N MET A 112 -4.06 16.18 7.59
CA MET A 112 -2.71 16.66 7.77
C MET A 112 -2.19 16.32 9.16
N GLY A 113 -3.01 16.61 10.16
CA GLY A 113 -2.61 16.41 11.53
C GLY A 113 -2.10 17.71 12.12
N ALA A 114 -1.75 17.68 13.39
CA ALA A 114 -1.26 18.86 14.07
C ALA A 114 -0.04 19.43 13.38
N THR A 115 0.10 20.74 13.44
CA THR A 115 1.20 21.45 12.79
C THR A 115 2.56 20.88 13.10
N ASP A 116 2.78 20.58 14.38
CA ASP A 116 3.97 19.89 14.79
C ASP A 116 3.78 18.37 14.67
N ALA A 117 4.47 17.77 13.70
CA ALA A 117 4.30 16.33 13.40
C ALA A 117 4.41 15.40 14.63
N GLN A 118 5.30 15.76 15.55
CA GLN A 118 5.45 15.09 16.85
C GLN A 118 4.18 15.02 17.70
N ASP A 119 3.31 16.00 17.57
CA ASP A 119 2.04 15.94 18.32
C ASP A 119 0.90 15.28 17.55
N ALA A 120 1.18 14.86 16.33
CA ALA A 120 0.13 14.53 15.38
C ALA A 120 -0.21 13.02 15.46
N ALA A 121 -1.52 12.74 15.57
CA ALA A 121 -2.12 11.39 15.58
C ALA A 121 -1.63 10.55 14.41
N PRO A 122 -1.21 9.33 14.65
CA PRO A 122 -1.03 8.34 13.58
C PRO A 122 -2.32 8.19 12.79
N GLY A 123 -2.20 8.03 11.47
CA GLY A 123 -3.32 8.10 10.56
C GLY A 123 -3.39 9.44 9.88
N THR A 124 -2.60 10.41 10.34
CA THR A 124 -2.57 11.70 9.70
C THR A 124 -1.37 11.69 8.89
N ILE A 125 -1.33 12.58 7.89
CA ILE A 125 -0.18 12.74 7.05
C ILE A 125 1.07 13.04 7.92
N ARG A 126 0.93 13.87 8.94
CA ARG A 126 2.11 14.33 9.66
C ARG A 126 2.50 13.33 10.71
N GLY A 127 1.51 12.68 11.28
CA GLY A 127 1.71 11.64 12.26
C GLY A 127 2.32 10.36 11.70
N ASP A 128 2.16 10.07 10.39
CA ASP A 128 2.68 8.86 9.76
C ASP A 128 4.03 9.11 9.18
N TYR A 129 4.21 10.31 8.66
CA TYR A 129 5.38 10.65 7.83
C TYR A 129 6.37 11.63 8.45
N GLY A 130 5.96 12.41 9.44
CA GLY A 130 6.80 13.50 9.92
C GLY A 130 7.19 13.33 11.38
N ASN A 131 8.34 13.88 11.76
CA ASN A 131 8.79 13.86 13.14
C ASN A 131 9.30 15.22 13.57
N ASP A 132 8.82 16.27 12.90
CA ASP A 132 9.42 17.59 13.05
C ASP A 132 8.42 18.72 12.88
N LEU A 133 8.71 19.79 13.62
CA LEU A 133 7.95 21.00 13.56
C LEU A 133 8.23 21.80 12.31
N GLY A 134 9.50 22.06 12.01
CA GLY A 134 9.87 22.84 10.85
C GLY A 134 9.56 22.03 9.61
N HIS A 135 10.27 20.93 9.46
CA HIS A 135 10.07 20.01 8.31
C HIS A 135 8.79 19.18 8.54
N ASN A 136 7.63 19.82 8.45
CA ASN A 136 6.35 19.16 8.79
C ASN A 136 5.53 18.82 7.53
N LEU A 137 6.28 18.58 6.45
CA LEU A 137 5.83 17.85 5.28
C LEU A 137 4.97 18.61 4.33
N ILE A 138 4.02 19.39 4.84
CA ILE A 138 2.90 19.83 4.03
C ILE A 138 2.17 21.05 4.62
N HIS A 139 1.49 21.80 3.78
CA HIS A 139 0.71 22.95 4.18
C HIS A 139 -0.66 22.85 3.59
N GLY A 140 -1.66 23.23 4.36
CA GLY A 140 -2.99 23.46 3.83
C GLY A 140 -3.57 24.70 4.42
N SER A 141 -4.33 25.42 3.64
CA SER A 141 -4.98 26.67 4.07
C SER A 141 -5.69 26.45 5.40
N ASP A 142 -5.75 27.50 6.21
CA ASP A 142 -6.32 27.39 7.56
C ASP A 142 -7.80 27.65 7.44
N HIS A 143 -8.61 26.70 7.88
CA HIS A 143 -10.05 26.90 7.85
C HIS A 143 -10.58 27.94 8.85
N GLU A 144 -9.94 28.02 10.05
CA GLU A 144 -10.25 28.99 11.16
C GLU A 144 -9.67 30.42 10.91
N ASP A 145 -9.59 30.80 9.64
CA ASP A 145 -9.00 32.07 9.19
C ASP A 145 -9.70 32.30 7.86
N GLU A 146 -10.90 32.92 7.88
CA GLU A 146 -11.75 33.01 6.67
C GLU A 146 -11.07 33.70 5.45
N GLY A 147 -11.24 33.08 4.28
CA GLY A 147 -10.66 33.62 3.05
C GLY A 147 -9.18 33.34 2.93
N ALA A 148 -8.62 32.63 3.91
CA ALA A 148 -7.22 32.27 3.80
C ALA A 148 -7.10 31.32 2.63
N ASN A 149 -8.12 30.48 2.42
CA ASN A 149 -8.08 29.48 1.35
C ASN A 149 -8.05 30.06 -0.04
N GLU A 150 -8.94 31.00 -0.30
CA GLU A 150 -9.07 31.61 -1.62
C GLU A 150 -7.92 32.57 -1.87
N ARG A 151 -7.30 33.04 -0.79
CA ARG A 151 -6.23 34.00 -0.90
C ARG A 151 -4.93 33.26 -1.18
N GLU A 152 -4.74 32.11 -0.54
CA GLU A 152 -3.58 31.31 -0.79
C GLU A 152 -3.65 30.74 -2.22
N ILE A 153 -4.86 30.47 -2.70
CA ILE A 153 -5.02 30.04 -4.08
C ILE A 153 -4.55 31.08 -5.07
N ALA A 154 -5.16 32.28 -5.00
CA ALA A 154 -4.84 33.40 -5.93
C ALA A 154 -3.36 33.74 -5.93
N LEU A 155 -2.77 33.61 -4.75
CA LEU A 155 -1.35 33.79 -4.56
C LEU A 155 -0.46 32.83 -5.29
N PHE A 156 -0.83 31.57 -5.25
CA PHE A 156 0.02 30.55 -5.82
C PHE A 156 -0.40 30.17 -7.23
N PHE A 157 -1.63 30.51 -7.61
CA PHE A 157 -2.22 30.09 -8.88
C PHE A 157 -2.90 31.23 -9.64
N ASP A 158 -2.74 31.26 -10.96
CA ASP A 158 -3.55 32.14 -11.82
C ASP A 158 -4.86 31.42 -12.05
N ASP A 159 -5.96 32.17 -12.10
CA ASP A 159 -7.24 31.71 -12.67
C ASP A 159 -7.13 30.63 -13.77
N ASP A 160 -6.31 30.85 -14.79
CA ASP A 160 -6.32 29.97 -15.95
C ASP A 160 -5.68 28.59 -15.64
N GLU A 161 -4.87 28.52 -14.58
CA GLU A 161 -4.25 27.27 -14.16
C GLU A 161 -5.23 26.35 -13.43
N LEU A 162 -6.26 26.90 -12.77
CA LEU A 162 -7.30 26.09 -12.12
C LEU A 162 -8.29 25.51 -13.13
N VAL A 163 -8.65 24.24 -12.93
CA VAL A 163 -9.36 23.47 -13.96
C VAL A 163 -10.70 23.13 -13.44
N ASP A 164 -11.70 23.29 -14.28
CA ASP A 164 -13.09 23.22 -13.87
C ASP A 164 -13.57 21.95 -14.55
N TRP A 165 -13.76 20.87 -13.79
CA TRP A 165 -14.21 19.61 -14.38
C TRP A 165 -15.21 18.89 -13.53
N ASP A 166 -15.92 18.00 -14.21
CA ASP A 166 -16.89 17.11 -13.63
C ASP A 166 -16.26 15.70 -13.49
N ARG A 167 -15.86 15.37 -12.25
CA ARG A 167 -15.33 14.03 -11.92
C ARG A 167 -16.56 13.18 -11.57
N ASP A 168 -16.81 12.10 -12.30
CA ASP A 168 -18.10 11.41 -12.15
C ASP A 168 -18.19 10.65 -10.90
N ALA A 169 -17.04 10.27 -10.36
CA ALA A 169 -17.03 9.53 -9.12
C ALA A 169 -17.58 10.35 -7.93
N SER A 170 -17.81 11.66 -8.10
CA SER A 170 -18.52 12.46 -7.07
C SER A 170 -20.01 12.17 -6.87
N ALA A 171 -20.67 11.65 -7.88
CA ALA A 171 -22.02 11.14 -7.69
C ALA A 171 -22.07 10.01 -6.58
N TRP A 172 -20.92 9.40 -6.27
CA TRP A 172 -20.85 8.40 -5.25
C TRP A 172 -20.03 8.82 -4.01
N VAL A 173 -19.17 9.83 -4.12
CA VAL A 173 -18.62 10.42 -2.92
C VAL A 173 -19.69 11.27 -2.18
N TYR A 174 -20.61 11.90 -2.89
CA TYR A 174 -21.47 12.90 -2.23
C TYR A 174 -22.94 12.65 -2.48
N GLU A 175 -23.76 12.60 -1.42
CA GLU A 175 -25.22 12.36 -1.52
C GLU A 175 -25.96 13.42 -2.33
N ASP A 176 -25.56 14.67 -2.19
CA ASP A 176 -26.19 15.71 -3.00
C ASP A 176 -25.84 15.58 -4.51
N LEU A 177 -24.69 15.01 -4.89
CA LEU A 177 -24.34 14.81 -6.30
C LEU A 177 -24.86 13.48 -6.88
N ALA A 178 -25.54 12.68 -6.07
CA ALA A 178 -26.10 11.41 -6.53
C ALA A 178 -27.16 11.61 -7.60
N ASP B 23 17.61 16.90 21.27
CA ASP B 23 18.51 16.41 20.19
C ASP B 23 18.19 14.96 19.74
N HIS B 24 18.76 14.67 18.58
CA HIS B 24 18.27 13.64 17.69
C HIS B 24 19.04 12.34 17.81
N ASP B 25 19.89 12.23 18.83
CA ASP B 25 20.60 10.95 19.12
C ASP B 25 19.88 10.04 20.14
N GLU B 26 18.70 10.48 20.63
CA GLU B 26 17.88 9.68 21.54
C GLU B 26 17.52 8.30 20.95
N ARG B 27 17.55 7.24 21.77
CA ARG B 27 17.23 5.89 21.25
C ARG B 27 16.13 5.24 22.07
N THR B 28 15.48 4.27 21.44
CA THR B 28 14.46 3.47 22.08
C THR B 28 14.49 2.04 21.56
N PHE B 29 13.97 1.15 22.39
CA PHE B 29 13.90 -0.28 22.11
C PHE B 29 12.50 -0.70 21.63
N VAL B 30 12.49 -1.43 20.52
CA VAL B 30 11.25 -1.82 19.85
C VAL B 30 11.38 -3.26 19.46
N MET B 31 10.40 -4.07 19.84
CA MET B 31 10.48 -5.50 19.63
C MET B 31 9.17 -5.93 18.92
N VAL B 32 9.29 -6.70 17.85
CA VAL B 32 8.13 -7.32 17.30
C VAL B 32 8.00 -8.65 17.97
N LYS B 33 6.86 -8.92 18.58
CA LYS B 33 6.72 -10.09 19.43
C LYS B 33 6.35 -11.30 18.56
N PRO B 34 6.39 -12.52 19.13
CA PRO B 34 6.08 -13.75 18.39
C PRO B 34 4.80 -13.78 17.55
N ASP B 35 3.76 -13.12 18.03
CA ASP B 35 2.49 -13.04 17.25
C ASP B 35 2.69 -12.17 15.99
N GLY B 36 3.39 -11.05 16.14
CA GLY B 36 3.79 -10.23 15.01
C GLY B 36 4.59 -11.03 13.98
N VAL B 37 5.52 -11.82 14.46
CA VAL B 37 6.45 -12.54 13.61
C VAL B 37 5.80 -13.75 12.94
N GLN B 38 4.90 -14.35 13.68
CA GLN B 38 4.14 -15.44 13.17
C GLN B 38 3.19 -14.96 12.05
N ARG B 39 2.58 -13.79 12.25
CA ARG B 39 1.60 -13.25 11.32
C ARG B 39 2.25 -12.51 10.14
N GLY B 40 3.58 -12.42 10.12
CA GLY B 40 4.27 -11.79 9.01
C GLY B 40 4.09 -10.29 8.98
N LEU B 41 4.32 -9.65 10.11
CA LEU B 41 4.09 -8.25 10.28
C LEU B 41 5.38 -7.53 10.55
N ILE B 42 6.53 -8.19 10.41
CA ILE B 42 7.74 -7.45 10.74
C ILE B 42 8.03 -6.34 9.70
N GLY B 43 7.91 -6.63 8.41
CA GLY B 43 8.14 -5.60 7.40
C GLY B 43 7.19 -4.43 7.59
N ASP B 44 5.94 -4.76 7.91
CA ASP B 44 4.92 -3.77 8.19
C ASP B 44 5.33 -2.85 9.31
N ILE B 45 5.85 -3.42 10.39
CA ILE B 45 6.26 -2.60 11.53
C ILE B 45 7.49 -1.84 11.21
N VAL B 46 8.39 -2.46 10.48
CA VAL B 46 9.61 -1.79 10.13
C VAL B 46 9.30 -0.59 9.26
N THR B 47 8.49 -0.76 8.22
CA THR B 47 8.29 0.39 7.35
C THR B 47 7.53 1.54 8.01
N ARG B 48 6.64 1.30 8.97
CA ARG B 48 5.96 2.46 9.60
C ARG B 48 6.90 3.32 10.42
N LEU B 49 7.91 2.71 11.01
CA LEU B 49 8.98 3.45 11.70
C LEU B 49 9.96 4.12 10.73
N GLU B 50 10.26 3.47 9.59
CA GLU B 50 11.12 4.04 8.53
C GLU B 50 10.43 5.28 7.97
N THR B 51 9.23 5.05 7.47
CA THR B 51 8.35 6.07 6.94
C THR B 51 8.26 7.24 7.89
N LYS B 52 8.18 7.00 9.19
CA LYS B 52 8.11 8.13 10.14
C LYS B 52 9.39 8.95 10.20
N GLY B 53 10.52 8.45 9.71
CA GLY B 53 11.81 9.17 9.71
C GLY B 53 12.85 8.80 10.81
N LEU B 54 12.44 7.90 11.68
CA LEU B 54 13.32 7.37 12.68
C LEU B 54 14.32 6.48 11.98
N LYS B 55 15.44 6.28 12.62
CA LYS B 55 16.53 5.62 11.97
C LYS B 55 16.83 4.36 12.74
N MET B 56 16.96 3.23 12.05
CA MET B 56 17.34 1.97 12.72
C MET B 56 18.83 2.01 13.09
N VAL B 57 19.17 1.73 14.35
CA VAL B 57 20.58 1.49 14.75
C VAL B 57 20.86 0.08 15.24
N GLY B 58 19.82 -0.70 15.49
CA GLY B 58 20.01 -2.09 15.77
C GLY B 58 18.80 -2.91 15.39
N GLY B 59 19.07 -4.13 14.95
CA GLY B 59 18.05 -5.09 14.66
C GLY B 59 18.65 -6.50 14.64
N LYS B 60 17.94 -7.44 15.27
CA LYS B 60 18.24 -8.85 15.15
C LYS B 60 17.03 -9.74 15.36
N PHE B 61 16.95 -10.80 14.58
CA PHE B 61 15.94 -11.79 14.77
C PHE B 61 16.53 -12.80 15.75
N MET B 62 15.97 -12.82 16.95
CA MET B 62 16.47 -13.66 18.03
C MET B 62 15.33 -14.36 18.75
N ARG B 63 15.70 -15.49 19.38
CA ARG B 63 14.85 -16.11 20.40
C ARG B 63 15.28 -15.57 21.75
N ILE B 64 14.27 -15.37 22.60
CA ILE B 64 14.41 -14.93 23.99
C ILE B 64 14.27 -16.13 24.95
N ASP B 65 15.26 -16.30 25.85
CA ASP B 65 15.25 -17.43 26.81
C ASP B 65 14.55 -17.04 28.10
N GLU B 66 13.81 -17.98 28.69
CA GLU B 66 13.12 -17.75 29.97
C GLU B 66 13.94 -16.80 30.87
N GLU B 67 15.21 -17.13 31.01
CA GLU B 67 16.10 -16.36 31.85
C GLU B 67 16.19 -14.86 31.46
N LEU B 68 16.18 -14.54 30.16
CA LEU B 68 16.15 -13.14 29.65
C LEU B 68 14.76 -12.49 29.76
N ALA B 69 13.72 -13.28 29.49
CA ALA B 69 12.35 -12.87 29.77
C ALA B 69 12.19 -12.44 31.22
N HIS B 70 12.73 -13.24 32.15
CA HIS B 70 12.63 -12.94 33.59
C HIS B 70 13.23 -11.55 33.90
N GLU B 71 14.36 -11.21 33.29
CA GLU B 71 15.00 -9.91 33.54
C GLU B 71 14.19 -8.75 32.95
N HIS B 72 13.54 -8.98 31.81
CA HIS B 72 12.76 -7.95 31.12
C HIS B 72 11.49 -7.59 31.88
N TYR B 73 10.72 -8.61 32.25
CA TYR B 73 9.45 -8.45 32.93
C TYR B 73 9.61 -8.62 34.47
N ALA B 74 10.78 -8.22 34.96
CA ALA B 74 11.02 -8.05 36.40
C ALA B 74 10.41 -6.71 36.81
N GLU B 75 9.11 -6.71 37.03
CA GLU B 75 8.38 -5.48 37.33
C GLU B 75 6.92 -5.89 37.52
N PHE B 81 0.13 -12.84 36.76
CA PHE B 81 0.16 -13.11 35.32
C PHE B 81 1.56 -13.08 34.79
N PHE B 82 2.52 -12.85 35.68
CA PHE B 82 3.93 -12.77 35.29
C PHE B 82 4.35 -13.98 34.44
N ASP B 83 3.85 -15.17 34.79
CA ASP B 83 4.32 -16.40 34.15
C ASP B 83 3.51 -16.77 32.90
N GLY B 84 2.72 -15.82 32.38
CA GLY B 84 2.01 -15.99 31.11
C GLY B 84 2.64 -15.14 30.01
N LEU B 85 3.02 -13.93 30.44
CA LEU B 85 3.82 -12.95 29.68
C LEU B 85 5.29 -13.39 29.46
N VAL B 86 5.73 -14.39 30.23
CA VAL B 86 7.01 -15.04 29.98
C VAL B 86 6.79 -16.15 28.98
N SER B 87 5.69 -16.86 29.14
CA SER B 87 5.43 -18.03 28.30
C SER B 87 5.21 -17.57 26.90
N PHE B 88 4.70 -16.33 26.77
CA PHE B 88 4.36 -15.75 25.49
C PHE B 88 5.61 -15.10 24.85
N ILE B 89 6.36 -14.30 25.62
CA ILE B 89 7.54 -13.65 25.06
C ILE B 89 8.60 -14.65 24.64
N THR B 90 8.44 -15.91 25.08
CA THR B 90 9.37 -17.00 24.82
C THR B 90 8.82 -18.07 23.85
N SER B 91 7.60 -17.86 23.35
CA SER B 91 6.86 -18.86 22.56
C SER B 91 7.28 -18.96 21.09
N GLY B 92 8.19 -18.09 20.67
CA GLY B 92 8.70 -18.12 19.32
C GLY B 92 9.71 -16.99 19.15
N PRO B 93 10.28 -16.88 17.96
CA PRO B 93 11.16 -15.76 17.64
C PRO B 93 10.50 -14.36 17.73
N VAL B 94 11.35 -13.40 18.06
CA VAL B 94 11.08 -12.00 18.20
C VAL B 94 12.04 -11.27 17.20
N PHE B 95 11.76 -10.01 16.85
CA PHE B 95 12.68 -9.20 16.04
C PHE B 95 12.89 -7.92 16.79
N ALA B 96 14.01 -7.88 17.52
CA ALA B 96 14.36 -6.79 18.42
C ALA B 96 15.07 -5.73 17.66
N MET B 97 14.88 -4.50 18.09
CA MET B 97 15.37 -3.37 17.31
C MET B 97 15.69 -2.20 18.21
N VAL B 98 16.63 -1.37 17.77
CA VAL B 98 16.80 -0.06 18.36
C VAL B 98 16.58 1.02 17.31
N TRP B 99 15.89 2.08 17.69
CA TRP B 99 15.47 3.10 16.75
C TRP B 99 15.87 4.47 17.29
N GLU B 100 16.31 5.33 16.37
CA GLU B 100 16.97 6.58 16.71
C GLU B 100 16.25 7.74 16.04
N GLY B 101 16.26 8.89 16.69
CA GLY B 101 15.66 10.10 16.14
C GLY B 101 15.04 10.94 17.23
N ALA B 102 14.69 12.19 16.91
CA ALA B 102 13.94 13.09 17.82
C ALA B 102 12.83 12.40 18.59
N ASP B 103 12.91 12.51 19.90
CA ASP B 103 11.86 12.07 20.79
C ASP B 103 11.39 10.64 20.40
N ALA B 104 12.34 9.82 19.95
CA ALA B 104 12.11 8.47 19.48
C ALA B 104 11.20 7.65 20.38
N THR B 105 11.45 7.72 21.70
CA THR B 105 10.65 6.96 22.69
C THR B 105 9.17 7.38 22.66
N ARG B 106 8.87 8.67 22.70
CA ARG B 106 7.46 9.14 22.65
C ARG B 106 6.85 8.75 21.31
N GLN B 107 7.55 9.10 20.24
CA GLN B 107 7.05 8.94 18.90
C GLN B 107 6.62 7.50 18.60
N VAL B 108 7.50 6.54 18.87
CA VAL B 108 7.18 5.12 18.75
C VAL B 108 6.03 4.71 19.65
N ARG B 109 5.95 5.28 20.82
CA ARG B 109 4.91 4.86 21.70
C ARG B 109 3.54 5.46 21.29
N GLN B 110 3.56 6.57 20.57
CA GLN B 110 2.34 7.16 20.03
C GLN B 110 1.88 6.30 18.85
N LEU B 111 2.83 5.99 17.97
CA LEU B 111 2.71 5.06 16.83
C LEU B 111 2.16 3.64 17.14
N MET B 112 2.41 3.14 18.33
CA MET B 112 1.95 1.81 18.74
C MET B 112 0.48 1.81 19.14
N GLY B 113 0.00 2.94 19.64
CA GLY B 113 -1.28 3.06 20.31
C GLY B 113 -1.32 2.37 21.64
N ALA B 114 -2.40 2.54 22.40
CA ALA B 114 -2.59 1.93 23.73
C ALA B 114 -2.19 0.47 23.81
N THR B 115 -1.57 0.06 24.94
CA THR B 115 -1.00 -1.31 25.12
C THR B 115 -2.03 -2.42 24.88
N ASP B 116 -3.26 -2.16 25.26
CA ASP B 116 -4.32 -3.06 24.92
C ASP B 116 -4.81 -2.76 23.52
N ALA B 117 -4.57 -3.65 22.55
CA ALA B 117 -4.92 -3.33 21.13
C ALA B 117 -6.44 -3.15 20.87
N GLN B 118 -7.27 -3.70 21.73
CA GLN B 118 -8.69 -3.48 21.65
C GLN B 118 -9.13 -2.00 21.88
N ASP B 119 -8.31 -1.22 22.60
CA ASP B 119 -8.60 0.20 22.82
C ASP B 119 -7.75 1.14 21.96
N ALA B 120 -6.77 0.59 21.26
CA ALA B 120 -5.89 1.37 20.41
C ALA B 120 -6.61 1.94 19.20
N ALA B 121 -6.17 3.12 18.80
CA ALA B 121 -6.86 3.92 17.83
C ALA B 121 -6.43 3.41 16.48
N PRO B 122 -7.37 3.40 15.53
CA PRO B 122 -7.06 3.11 14.15
C PRO B 122 -6.02 4.07 13.65
N GLY B 123 -5.08 3.60 12.85
CA GLY B 123 -3.95 4.41 12.46
C GLY B 123 -2.67 3.94 13.10
N THR B 124 -2.79 3.39 14.33
CA THR B 124 -1.67 2.87 15.09
C THR B 124 -1.52 1.41 14.84
N ILE B 125 -0.36 0.92 15.23
CA ILE B 125 0.05 -0.44 14.90
C ILE B 125 -0.85 -1.42 15.56
N ARG B 126 -1.28 -1.12 16.77
CA ARG B 126 -2.05 -2.09 17.48
C ARG B 126 -3.48 -1.94 17.16
N GLY B 127 -3.89 -0.69 16.92
CA GLY B 127 -5.23 -0.38 16.48
C GLY B 127 -5.51 -0.91 15.07
N ASP B 128 -4.48 -1.15 14.27
CA ASP B 128 -4.67 -1.64 12.90
C ASP B 128 -4.48 -3.13 12.82
N TYR B 129 -3.51 -3.68 13.59
CA TYR B 129 -3.22 -5.12 13.47
C TYR B 129 -3.59 -5.94 14.65
N GLY B 130 -4.20 -5.39 15.68
CA GLY B 130 -4.26 -6.13 16.92
C GLY B 130 -5.65 -6.21 17.45
N ASN B 131 -5.98 -7.29 18.16
CA ASN B 131 -7.30 -7.41 18.81
C ASN B 131 -7.30 -8.17 20.16
N ASP B 132 -6.36 -7.82 21.04
CA ASP B 132 -6.08 -8.59 22.30
C ASP B 132 -5.10 -7.81 23.19
N LEU B 133 -5.08 -8.09 24.50
CA LEU B 133 -4.08 -7.48 25.41
C LEU B 133 -2.69 -8.19 25.39
N GLY B 134 -2.64 -9.51 25.58
CA GLY B 134 -1.38 -10.22 25.66
C GLY B 134 -0.63 -10.42 24.35
N HIS B 135 -1.38 -10.66 23.28
CA HIS B 135 -0.84 -10.71 21.94
C HIS B 135 -1.07 -9.32 21.35
N ASN B 136 -0.24 -8.36 21.78
CA ASN B 136 -0.35 -6.97 21.31
C ASN B 136 0.75 -6.49 20.34
N LEU B 137 1.34 -7.40 19.58
CA LEU B 137 2.18 -7.08 18.41
C LEU B 137 3.55 -6.64 18.72
N ILE B 138 3.73 -5.67 19.60
CA ILE B 138 5.06 -5.15 19.88
C ILE B 138 5.27 -4.49 21.23
N HIS B 139 6.56 -4.28 21.52
CA HIS B 139 7.02 -3.54 22.66
C HIS B 139 7.85 -2.33 22.29
N GLY B 140 7.54 -1.21 22.92
CA GLY B 140 8.36 -0.03 22.76
C GLY B 140 8.63 0.43 24.14
N SER B 141 9.83 0.94 24.39
CA SER B 141 10.18 1.37 25.76
C SER B 141 9.29 2.50 26.20
N ASP B 142 9.01 2.52 27.49
CA ASP B 142 8.01 3.41 28.00
C ASP B 142 8.67 4.77 28.19
N HIS B 143 8.01 5.84 27.72
CA HIS B 143 8.63 7.16 27.73
C HIS B 143 8.46 7.86 29.08
N GLU B 144 7.51 7.37 29.90
CA GLU B 144 7.18 7.91 31.24
C GLU B 144 7.94 7.28 32.43
N ASP B 145 8.56 6.08 32.23
CA ASP B 145 9.53 5.44 33.13
C ASP B 145 10.92 5.83 32.66
N GLU B 146 11.45 6.93 33.20
CA GLU B 146 12.71 7.49 32.71
C GLU B 146 13.82 6.43 32.57
N GLY B 147 14.63 6.55 31.52
CA GLY B 147 15.73 5.64 31.30
C GLY B 147 15.40 4.23 30.82
N ALA B 148 14.19 3.73 31.06
CA ALA B 148 13.75 2.44 30.48
C ALA B 148 14.17 2.27 29.02
N ASN B 149 14.32 3.35 28.29
CA ASN B 149 14.89 3.24 26.95
C ASN B 149 16.36 2.69 26.97
N GLU B 150 17.26 3.33 27.71
CA GLU B 150 18.64 2.82 27.80
C GLU B 150 18.77 1.48 28.57
N ARG B 151 17.92 1.27 29.58
CA ARG B 151 17.94 0.00 30.33
C ARG B 151 17.61 -1.14 29.35
N GLU B 152 16.54 -0.96 28.58
CA GLU B 152 16.01 -2.06 27.73
C GLU B 152 16.90 -2.32 26.52
N ILE B 153 17.70 -1.36 26.05
CA ILE B 153 18.61 -1.69 24.95
C ILE B 153 19.91 -2.35 25.42
N ALA B 154 20.34 -2.04 26.65
CA ALA B 154 21.57 -2.60 27.25
C ALA B 154 21.37 -4.10 27.47
N LEU B 155 20.09 -4.43 27.71
CA LEU B 155 19.62 -5.78 28.07
C LEU B 155 19.52 -6.73 26.89
N PHE B 156 19.22 -6.19 25.72
CA PHE B 156 18.86 -6.95 24.51
C PHE B 156 19.98 -6.90 23.45
N PHE B 157 20.78 -5.84 23.53
CA PHE B 157 21.89 -5.61 22.61
C PHE B 157 23.15 -5.24 23.40
N ASP B 158 24.30 -5.51 22.78
CA ASP B 158 25.60 -5.02 23.24
C ASP B 158 26.10 -3.92 22.27
N ASP B 159 27.07 -3.11 22.69
CA ASP B 159 27.42 -1.86 21.99
C ASP B 159 28.04 -2.10 20.61
N ASP B 160 28.37 -3.37 20.34
CA ASP B 160 28.96 -3.86 19.09
C ASP B 160 27.91 -4.33 18.07
N GLU B 161 26.75 -4.80 18.55
CA GLU B 161 25.54 -4.98 17.72
C GLU B 161 24.83 -3.65 17.43
N LEU B 162 25.39 -2.51 17.85
CA LEU B 162 24.77 -1.23 17.56
C LEU B 162 25.66 -0.39 16.65
N VAL B 163 25.01 0.24 15.67
CA VAL B 163 25.67 0.95 14.57
C VAL B 163 25.54 2.45 14.77
N ASP B 164 26.60 3.19 14.48
CA ASP B 164 26.48 4.64 14.38
C ASP B 164 26.72 4.99 12.94
N TRP B 165 25.75 5.69 12.38
CA TRP B 165 25.82 6.11 10.98
C TRP B 165 24.95 7.31 10.77
N ASP B 166 25.14 7.99 9.66
CA ASP B 166 24.39 9.20 9.35
C ASP B 166 23.42 8.86 8.17
N ARG B 167 22.12 8.96 8.46
CA ARG B 167 21.10 8.79 7.43
C ARG B 167 20.92 10.10 6.72
N ASP B 168 21.53 10.24 5.56
CA ASP B 168 21.42 11.43 4.73
C ASP B 168 20.04 12.13 4.75
N ALA B 169 18.97 11.33 4.73
CA ALA B 169 17.62 11.85 4.63
C ALA B 169 17.19 12.48 5.95
N SER B 170 17.98 12.34 7.00
CA SER B 170 17.64 12.98 8.27
C SER B 170 17.75 14.50 8.14
N ALA B 171 18.58 14.95 7.20
CA ALA B 171 18.68 16.38 6.76
C ALA B 171 17.34 16.98 6.27
N TRP B 172 16.46 16.12 5.77
CA TRP B 172 15.10 16.48 5.37
C TRP B 172 14.03 16.03 6.38
N VAL B 173 14.38 15.11 7.26
CA VAL B 173 13.53 14.76 8.39
C VAL B 173 13.53 15.86 9.45
N TYR B 174 14.62 16.59 9.63
CA TYR B 174 14.67 17.67 10.64
C TYR B 174 15.46 18.91 10.18
N GLU B 175 15.36 20.03 10.93
CA GLU B 175 16.40 21.11 10.87
C GLU B 175 17.74 20.62 11.49
N ASP B 176 18.49 20.06 10.52
CA ASP B 176 19.75 19.28 10.54
C ASP B 176 20.11 19.44 9.05
N LEU B 177 19.54 20.44 8.37
CA LEU B 177 19.39 20.46 6.91
C LEU B 177 20.38 21.35 6.16
N ALA B 178 20.38 21.17 4.84
CA ALA B 178 21.08 22.04 3.89
C ALA B 178 20.09 22.94 3.16
N HIS C 24 -14.80 -14.67 21.93
CA HIS C 24 -14.06 -14.99 20.67
C HIS C 24 -15.03 -15.48 19.61
N ASP C 25 -16.28 -15.63 20.02
CA ASP C 25 -17.37 -16.12 19.17
C ASP C 25 -18.39 -15.02 18.81
N GLU C 26 -18.22 -13.82 19.38
CA GLU C 26 -19.08 -12.69 19.04
C GLU C 26 -18.99 -12.35 17.54
N ARG C 27 -20.12 -11.99 16.95
CA ARG C 27 -20.24 -11.66 15.52
C ARG C 27 -20.90 -10.32 15.29
N THR C 28 -20.52 -9.66 14.21
CA THR C 28 -21.19 -8.46 13.83
C THR C 28 -21.46 -8.47 12.34
N PHE C 29 -22.48 -7.73 11.95
CA PHE C 29 -22.81 -7.57 10.55
C PHE C 29 -22.05 -6.38 9.99
N VAL C 30 -21.46 -6.48 8.81
CA VAL C 30 -20.88 -5.30 8.19
C VAL C 30 -21.09 -5.30 6.71
N MET C 31 -21.16 -4.15 6.14
CA MET C 31 -21.73 -4.09 4.81
C MET C 31 -21.08 -2.91 4.15
N VAL C 32 -20.39 -3.18 3.07
CA VAL C 32 -19.87 -2.18 2.23
C VAL C 32 -21.04 -1.67 1.39
N LYS C 33 -21.30 -0.36 1.52
CA LYS C 33 -22.47 0.27 0.89
C LYS C 33 -22.26 0.57 -0.59
N PRO C 34 -23.32 0.97 -1.25
CA PRO C 34 -23.28 1.11 -2.71
C PRO C 34 -22.20 2.06 -3.19
N ASP C 35 -22.00 3.21 -2.52
CA ASP C 35 -20.85 4.07 -2.78
C ASP C 35 -19.46 3.30 -2.74
N GLY C 36 -19.16 2.57 -1.71
CA GLY C 36 -17.88 1.88 -1.64
C GLY C 36 -17.68 0.81 -2.68
N VAL C 37 -18.75 0.08 -2.95
CA VAL C 37 -18.81 -0.83 -4.07
C VAL C 37 -18.49 -0.18 -5.40
N GLN C 38 -19.08 0.95 -5.60
CA GLN C 38 -18.98 1.70 -6.81
C GLN C 38 -17.59 2.39 -6.99
N ARG C 39 -16.94 2.71 -5.87
CA ARG C 39 -15.65 3.32 -5.93
C ARG C 39 -14.51 2.30 -5.80
N GLY C 40 -14.75 1.00 -5.77
CA GLY C 40 -13.65 0.03 -5.82
C GLY C 40 -12.97 -0.24 -4.49
N LEU C 41 -13.73 -0.23 -3.44
CA LEU C 41 -13.18 -0.22 -2.13
C LEU C 41 -13.50 -1.47 -1.33
N ILE C 42 -14.13 -2.45 -1.95
CA ILE C 42 -14.56 -3.61 -1.24
C ILE C 42 -13.30 -4.21 -0.65
N GLY C 43 -12.33 -4.41 -1.52
CA GLY C 43 -11.11 -5.07 -1.12
C GLY C 43 -10.42 -4.33 -0.01
N ASP C 44 -10.40 -3.01 -0.09
CA ASP C 44 -9.73 -2.19 0.91
C ASP C 44 -10.33 -2.38 2.30
N ILE C 45 -11.62 -2.45 2.33
CA ILE C 45 -12.31 -2.58 3.58
C ILE C 45 -12.05 -3.95 4.16
N VAL C 46 -12.18 -4.95 3.29
CA VAL C 46 -12.01 -6.36 3.63
C VAL C 46 -10.58 -6.50 4.16
N THR C 47 -9.55 -6.11 3.44
CA THR C 47 -8.20 -5.99 4.02
C THR C 47 -8.18 -5.36 5.43
N ARG C 48 -8.83 -4.23 5.67
CA ARG C 48 -8.71 -3.59 6.98
C ARG C 48 -9.18 -4.53 8.08
N LEU C 49 -10.33 -5.20 7.89
CA LEU C 49 -10.89 -6.10 8.89
C LEU C 49 -10.05 -7.37 9.03
N GLU C 50 -9.60 -7.94 7.91
CA GLU C 50 -8.69 -9.08 7.93
C GLU C 50 -7.46 -8.77 8.73
N THR C 51 -6.94 -7.58 8.57
CA THR C 51 -5.66 -7.19 9.13
C THR C 51 -5.83 -6.99 10.64
N LYS C 52 -7.02 -6.55 11.07
CA LYS C 52 -7.32 -6.41 12.49
C LYS C 52 -7.26 -7.76 13.26
N GLY C 53 -7.42 -8.85 12.52
CA GLY C 53 -7.40 -10.18 13.06
C GLY C 53 -8.76 -10.77 13.24
N LEU C 54 -9.78 -10.07 12.71
CA LEU C 54 -11.15 -10.54 12.72
C LEU C 54 -11.32 -11.53 11.62
N LYS C 55 -12.33 -12.37 11.75
CA LYS C 55 -12.52 -13.56 10.95
C LYS C 55 -13.84 -13.49 10.15
N MET C 56 -13.74 -13.44 8.82
CA MET C 56 -14.92 -13.46 7.99
C MET C 56 -15.57 -14.82 8.10
N VAL C 57 -16.87 -14.78 8.37
CA VAL C 57 -17.71 -15.92 8.62
C VAL C 57 -18.89 -15.96 7.62
N GLY C 58 -19.27 -14.81 7.12
CA GLY C 58 -20.20 -14.74 6.00
C GLY C 58 -19.75 -13.64 5.10
N GLY C 59 -20.32 -13.63 3.89
CA GLY C 59 -19.90 -12.70 2.86
C GLY C 59 -20.73 -12.89 1.63
N LYS C 60 -21.45 -11.84 1.19
CA LYS C 60 -22.46 -11.90 0.15
C LYS C 60 -22.62 -10.60 -0.71
N PHE C 61 -22.33 -10.64 -2.00
CA PHE C 61 -22.53 -9.52 -2.90
C PHE C 61 -24.01 -9.50 -3.32
N MET C 62 -24.70 -8.39 -3.11
CA MET C 62 -26.15 -8.39 -3.25
C MET C 62 -26.82 -7.03 -3.42
N ARG C 63 -28.06 -7.09 -3.85
CA ARG C 63 -28.94 -5.94 -3.96
C ARG C 63 -29.88 -6.02 -2.77
N ILE C 64 -30.02 -4.93 -2.01
CA ILE C 64 -31.06 -4.81 -1.03
C ILE C 64 -32.31 -4.20 -1.72
N ASP C 65 -33.50 -4.77 -1.55
CA ASP C 65 -34.74 -4.07 -2.00
C ASP C 65 -35.38 -3.20 -0.91
N GLU C 66 -36.34 -2.40 -1.36
CA GLU C 66 -36.96 -1.39 -0.54
C GLU C 66 -37.44 -2.00 0.75
N GLU C 67 -38.02 -3.19 0.71
CA GLU C 67 -38.55 -3.80 1.94
C GLU C 67 -37.48 -4.29 2.89
N LEU C 68 -36.38 -4.82 2.39
CA LEU C 68 -35.32 -5.19 3.30
C LEU C 68 -34.69 -3.91 3.92
N ALA C 69 -34.58 -2.85 3.14
CA ALA C 69 -34.05 -1.59 3.61
C ALA C 69 -34.92 -0.98 4.68
N HIS C 70 -36.22 -1.19 4.55
CA HIS C 70 -37.18 -0.82 5.58
C HIS C 70 -37.01 -1.65 6.87
N GLU C 71 -36.69 -2.95 6.79
CA GLU C 71 -36.54 -3.75 8.00
C GLU C 71 -35.28 -3.25 8.75
N HIS C 72 -34.12 -3.28 8.10
CA HIS C 72 -32.87 -2.62 8.60
C HIS C 72 -32.94 -1.22 9.23
N TYR C 73 -33.54 -0.28 8.52
CA TYR C 73 -33.68 1.10 9.00
C TYR C 73 -35.13 1.35 9.51
N ALA C 74 -35.73 0.33 10.13
CA ALA C 74 -37.06 0.47 10.72
C ALA C 74 -36.99 1.40 11.93
N GLU C 75 -35.87 1.33 12.66
CA GLU C 75 -35.70 2.20 13.79
C GLU C 75 -35.76 3.66 13.37
N HIS C 76 -35.97 3.95 12.08
CA HIS C 76 -35.95 5.30 11.53
C HIS C 76 -37.13 5.69 10.53
N GLU C 77 -38.26 4.98 10.50
CA GLU C 77 -39.43 5.37 9.66
C GLU C 77 -39.83 6.86 9.88
N ASP C 78 -39.74 7.25 11.14
CA ASP C 78 -40.03 8.58 11.67
C ASP C 78 -39.34 9.79 10.99
N LYS C 79 -38.07 9.67 10.67
CA LYS C 79 -37.18 10.82 10.46
C LYS C 79 -37.23 11.40 9.02
N PRO C 80 -36.71 12.62 8.82
CA PRO C 80 -36.77 13.27 7.50
C PRO C 80 -36.00 12.48 6.39
N PHE C 81 -34.79 12.04 6.74
CA PHE C 81 -33.86 11.38 5.81
C PHE C 81 -34.21 9.93 5.42
N PHE C 82 -35.26 9.35 6.03
CA PHE C 82 -35.60 7.95 5.85
C PHE C 82 -35.62 7.55 4.37
N ASP C 83 -36.35 8.32 3.55
CA ASP C 83 -36.59 7.96 2.15
C ASP C 83 -35.34 8.16 1.27
N GLY C 84 -34.49 9.13 1.64
CA GLY C 84 -33.18 9.33 1.00
C GLY C 84 -32.20 8.23 1.38
N LEU C 85 -32.46 7.61 2.52
CA LEU C 85 -31.59 6.57 3.02
C LEU C 85 -31.88 5.27 2.31
N VAL C 86 -33.13 4.91 2.13
CA VAL C 86 -33.38 3.66 1.45
C VAL C 86 -33.15 3.86 -0.02
N SER C 87 -33.30 5.09 -0.46
CA SER C 87 -32.98 5.39 -1.82
C SER C 87 -31.55 4.97 -2.04
N PHE C 88 -30.71 5.32 -1.06
CA PHE C 88 -29.30 5.17 -1.21
C PHE C 88 -28.93 3.70 -1.11
N ILE C 89 -29.44 3.06 -0.08
CA ILE C 89 -29.04 1.72 0.25
C ILE C 89 -29.49 0.71 -0.82
N THR C 90 -30.34 1.15 -1.74
CA THR C 90 -30.86 0.35 -2.83
C THR C 90 -30.42 0.86 -4.21
N SER C 91 -29.65 1.94 -4.27
CA SER C 91 -29.10 2.53 -5.48
C SER C 91 -28.07 1.67 -6.22
N GLY C 92 -27.62 0.58 -5.63
CA GLY C 92 -26.64 -0.29 -6.26
C GLY C 92 -26.25 -1.35 -5.27
N PRO C 93 -25.49 -2.32 -5.71
CA PRO C 93 -25.26 -3.48 -4.87
C PRO C 93 -24.40 -3.13 -3.70
N VAL C 94 -24.47 -3.96 -2.66
CA VAL C 94 -23.68 -3.82 -1.46
C VAL C 94 -22.90 -5.11 -1.27
N PHE C 95 -21.90 -5.11 -0.36
CA PHE C 95 -21.22 -6.35 -0.02
C PHE C 95 -21.40 -6.61 1.47
N ALA C 96 -22.21 -7.62 1.78
CA ALA C 96 -22.69 -7.92 3.09
C ALA C 96 -21.79 -8.94 3.69
N MET C 97 -21.50 -8.79 4.98
CA MET C 97 -20.53 -9.63 5.66
C MET C 97 -20.88 -9.87 7.11
N VAL C 98 -20.35 -10.94 7.66
CA VAL C 98 -20.37 -11.17 9.08
C VAL C 98 -18.93 -11.44 9.48
N TRP C 99 -18.45 -10.74 10.51
CA TRP C 99 -17.11 -10.97 11.03
C TRP C 99 -17.15 -11.42 12.49
N GLU C 100 -16.23 -12.30 12.84
CA GLU C 100 -16.17 -12.88 14.17
C GLU C 100 -14.86 -12.57 14.79
N GLY C 101 -14.89 -12.37 16.10
CA GLY C 101 -13.70 -12.09 16.87
C GLY C 101 -14.10 -11.54 18.21
N ALA C 102 -13.13 -11.49 19.12
CA ALA C 102 -13.36 -10.91 20.40
C ALA C 102 -13.73 -9.41 20.25
N ASP C 103 -14.91 -9.05 20.72
CA ASP C 103 -15.34 -7.65 20.77
C ASP C 103 -15.65 -7.10 19.37
N ALA C 104 -15.98 -8.00 18.45
CA ALA C 104 -16.01 -7.70 17.05
C ALA C 104 -16.95 -6.53 16.74
N THR C 105 -18.13 -6.47 17.35
CA THR C 105 -19.05 -5.36 17.07
C THR C 105 -18.41 -3.99 17.34
N ARG C 106 -17.93 -3.80 18.56
CA ARG C 106 -17.23 -2.56 18.88
C ARG C 106 -15.93 -2.34 18.09
N GLN C 107 -15.10 -3.37 17.85
CA GLN C 107 -13.87 -3.13 17.06
C GLN C 107 -14.21 -2.66 15.63
N VAL C 108 -15.28 -3.14 15.04
CA VAL C 108 -15.56 -2.70 13.71
C VAL C 108 -15.97 -1.23 13.68
N ARG C 109 -16.73 -0.82 14.67
CA ARG C 109 -17.11 0.57 14.87
C ARG C 109 -16.00 1.48 15.14
N GLN C 110 -14.95 1.01 15.82
CA GLN C 110 -13.73 1.83 16.03
C GLN C 110 -12.96 2.05 14.79
N LEU C 111 -12.94 1.02 13.94
CA LEU C 111 -12.29 1.09 12.65
C LEU C 111 -13.14 1.85 11.60
N MET C 112 -14.47 1.84 11.72
CA MET C 112 -15.31 2.59 10.79
C MET C 112 -15.11 4.06 11.03
N GLY C 113 -15.02 4.43 12.28
CA GLY C 113 -15.08 5.81 12.67
C GLY C 113 -16.49 6.32 12.82
N ALA C 114 -16.58 7.55 13.29
CA ALA C 114 -17.80 8.33 13.34
C ALA C 114 -18.64 8.27 12.03
N THR C 115 -19.97 8.34 12.17
CA THR C 115 -20.86 7.95 11.10
C THR C 115 -20.88 8.99 9.96
N ASP C 116 -20.88 10.26 10.33
CA ASP C 116 -20.50 11.32 9.41
C ASP C 116 -19.01 11.28 9.14
N ALA C 117 -18.69 11.03 7.87
CA ALA C 117 -17.30 10.80 7.43
C ALA C 117 -16.45 12.04 7.60
N GLN C 118 -17.08 13.20 7.46
CA GLN C 118 -16.36 14.44 7.63
C GLN C 118 -15.84 14.66 9.09
N ASP C 119 -16.40 13.94 10.08
CA ASP C 119 -15.92 14.04 11.47
C ASP C 119 -15.00 12.89 11.85
N ALA C 120 -14.92 11.88 11.00
CA ALA C 120 -14.20 10.66 11.32
C ALA C 120 -12.71 10.93 11.35
N ALA C 121 -12.04 10.36 12.32
CA ALA C 121 -10.61 10.56 12.43
C ALA C 121 -9.94 9.88 11.24
N PRO C 122 -8.92 10.50 10.66
CA PRO C 122 -8.01 9.80 9.76
C PRO C 122 -7.47 8.52 10.35
N GLY C 123 -7.36 7.51 9.51
CA GLY C 123 -6.96 6.16 9.92
C GLY C 123 -8.14 5.25 10.08
N THR C 124 -9.33 5.79 10.33
CA THR C 124 -10.55 5.00 10.19
C THR C 124 -10.98 4.93 8.72
N ILE C 125 -11.81 3.98 8.42
CA ILE C 125 -12.32 3.79 7.06
C ILE C 125 -12.99 5.03 6.49
N ARG C 126 -13.93 5.55 7.24
CA ARG C 126 -14.65 6.73 6.84
C ARG C 126 -13.77 7.93 6.90
N GLY C 127 -12.73 7.87 7.70
CA GLY C 127 -11.79 8.96 7.77
C GLY C 127 -10.96 9.04 6.51
N ASP C 128 -10.58 7.91 5.96
CA ASP C 128 -9.64 7.96 4.87
C ASP C 128 -10.35 8.03 3.58
N TYR C 129 -11.50 7.38 3.53
CA TYR C 129 -12.16 7.14 2.28
C TYR C 129 -13.39 8.03 2.10
N GLY C 130 -14.00 8.55 3.14
CA GLY C 130 -15.23 9.32 2.87
C GLY C 130 -15.28 10.81 3.17
N ASN C 131 -16.33 11.44 2.65
CA ASN C 131 -16.52 12.90 2.77
C ASN C 131 -17.97 13.35 2.83
N ASP C 132 -18.83 12.50 3.40
CA ASP C 132 -20.26 12.72 3.36
C ASP C 132 -20.94 11.98 4.51
N LEU C 133 -22.21 12.33 4.74
CA LEU C 133 -23.01 11.69 5.74
C LEU C 133 -23.77 10.50 5.14
N GLY C 134 -24.49 10.75 4.05
CA GLY C 134 -25.29 9.72 3.43
C GLY C 134 -24.39 8.68 2.81
N HIS C 135 -23.42 9.14 2.05
CA HIS C 135 -22.51 8.20 1.40
C HIS C 135 -21.33 8.04 2.34
N ASN C 136 -21.47 7.16 3.31
CA ASN C 136 -20.44 6.97 4.33
C ASN C 136 -19.90 5.57 4.36
N LEU C 137 -20.04 4.88 3.22
CA LEU C 137 -19.18 3.76 2.81
C LEU C 137 -19.47 2.39 3.33
N ILE C 138 -19.82 2.34 4.60
CA ILE C 138 -19.88 1.10 5.33
C ILE C 138 -20.93 1.21 6.49
N HIS C 139 -21.50 0.06 6.84
CA HIS C 139 -22.31 -0.08 8.00
C HIS C 139 -21.70 -1.16 8.88
N GLY C 140 -21.79 -0.93 10.18
CA GLY C 140 -21.46 -1.91 11.21
C GLY C 140 -22.56 -1.97 12.25
N SER C 141 -22.72 -3.12 12.89
CA SER C 141 -23.73 -3.23 13.92
C SER C 141 -23.31 -2.37 15.09
N ASP C 142 -24.25 -1.53 15.55
CA ASP C 142 -24.02 -0.68 16.73
C ASP C 142 -23.91 -1.58 17.97
N HIS C 143 -22.73 -1.63 18.57
CA HIS C 143 -22.49 -2.38 19.82
C HIS C 143 -23.28 -1.85 21.02
N GLU C 144 -23.52 -0.54 21.10
CA GLU C 144 -24.41 0.03 22.12
C GLU C 144 -25.93 -0.14 21.80
N ASP C 145 -26.31 -1.22 21.15
CA ASP C 145 -27.73 -1.51 20.99
C ASP C 145 -27.86 -2.99 21.09
N GLU C 146 -27.91 -3.50 22.31
CA GLU C 146 -27.92 -4.94 22.49
C GLU C 146 -28.89 -5.63 21.49
N GLY C 147 -28.32 -6.57 20.75
CA GLY C 147 -29.08 -7.45 19.88
C GLY C 147 -29.09 -7.01 18.44
N ALA C 148 -28.59 -5.81 18.19
CA ALA C 148 -28.50 -5.31 16.83
C ALA C 148 -27.61 -6.18 15.96
N ASN C 149 -26.44 -6.56 16.50
CA ASN C 149 -25.51 -7.34 15.72
C ASN C 149 -26.23 -8.62 15.28
N GLU C 150 -26.85 -9.37 16.20
CA GLU C 150 -27.52 -10.64 15.84
C GLU C 150 -28.80 -10.47 14.96
N ARG C 151 -29.50 -9.35 15.12
CA ARG C 151 -30.74 -9.11 14.41
C ARG C 151 -30.38 -8.78 12.98
N GLU C 152 -29.36 -7.94 12.82
CA GLU C 152 -28.78 -7.59 11.53
C GLU C 152 -28.21 -8.80 10.83
N ILE C 153 -27.42 -9.63 11.52
CA ILE C 153 -26.94 -10.90 10.94
C ILE C 153 -28.06 -11.86 10.47
N ALA C 154 -29.11 -12.01 11.27
CA ALA C 154 -30.19 -12.94 10.98
C ALA C 154 -31.03 -12.39 9.82
N LEU C 155 -31.09 -11.09 9.72
CA LEU C 155 -31.87 -10.47 8.69
C LEU C 155 -31.22 -10.65 7.32
N PHE C 156 -29.91 -10.39 7.17
CA PHE C 156 -29.25 -10.40 5.85
C PHE C 156 -28.75 -11.80 5.43
N PHE C 157 -28.52 -12.66 6.42
CA PHE C 157 -27.99 -13.99 6.21
C PHE C 157 -28.86 -15.06 6.87
N ASP C 158 -28.81 -16.28 6.30
CA ASP C 158 -29.28 -17.50 6.96
C ASP C 158 -28.05 -18.33 7.44
N ASP C 159 -28.28 -19.28 8.35
CA ASP C 159 -27.21 -20.00 9.02
C ASP C 159 -26.42 -20.93 8.08
N ASP C 160 -27.08 -21.46 7.04
CA ASP C 160 -26.40 -22.20 5.97
C ASP C 160 -25.26 -21.36 5.33
N GLU C 161 -25.41 -20.05 5.33
CA GLU C 161 -24.46 -19.14 4.66
C GLU C 161 -23.35 -18.73 5.58
N LEU C 162 -23.58 -18.83 6.87
CA LEU C 162 -22.52 -18.49 7.81
C LEU C 162 -21.71 -19.70 7.84
N VAL C 163 -20.42 -19.55 8.05
CA VAL C 163 -19.51 -20.68 8.03
C VAL C 163 -18.80 -20.71 9.30
N ASP C 164 -18.89 -21.85 9.97
CA ASP C 164 -18.06 -22.14 11.12
C ASP C 164 -16.81 -22.70 10.55
N TRP C 165 -15.65 -22.12 10.82
CA TRP C 165 -14.35 -22.72 10.46
C TRP C 165 -13.34 -22.27 11.48
N ASP C 166 -12.16 -22.86 11.42
CA ASP C 166 -11.18 -22.53 12.43
C ASP C 166 -9.98 -21.82 11.81
N ARG C 167 -9.81 -20.53 12.15
CA ARG C 167 -8.74 -19.75 11.57
C ARG C 167 -7.50 -20.05 12.35
N ASP C 168 -6.46 -20.49 11.66
CA ASP C 168 -5.29 -20.96 12.39
C ASP C 168 -4.57 -19.81 13.02
N ALA C 169 -4.45 -18.74 12.27
CA ALA C 169 -3.79 -17.54 12.72
C ALA C 169 -4.45 -16.93 13.99
N SER C 170 -5.70 -17.27 14.24
CA SER C 170 -6.36 -16.88 15.49
C SER C 170 -5.55 -17.19 16.74
N ALA C 171 -4.74 -18.24 16.68
CA ALA C 171 -4.02 -18.69 17.86
C ALA C 171 -2.77 -17.85 18.05
N TRP C 172 -2.49 -16.97 17.09
CA TRP C 172 -1.55 -15.86 17.25
C TRP C 172 -2.23 -14.51 17.39
N VAL C 173 -3.48 -14.38 17.00
CA VAL C 173 -4.19 -13.13 17.22
C VAL C 173 -4.55 -12.99 18.71
N TYR C 174 -5.09 -14.08 19.24
CA TYR C 174 -5.58 -14.15 20.62
C TYR C 174 -4.78 -15.12 21.50
N GLU C 175 -4.37 -14.61 22.65
CA GLU C 175 -3.71 -15.41 23.69
C GLU C 175 -4.56 -16.59 24.14
N ASP C 176 -5.83 -16.35 24.40
CA ASP C 176 -6.73 -17.37 24.96
C ASP C 176 -6.97 -18.54 24.01
N LEU C 177 -6.71 -18.36 22.69
CA LEU C 177 -6.78 -19.45 21.68
C LEU C 177 -5.38 -20.06 21.42
N ALA C 178 -4.36 -19.34 21.87
CA ALA C 178 -3.13 -19.94 22.46
C ALA C 178 -2.30 -18.82 23.07
N HIS D 24 22.31 18.54 -15.54
CA HIS D 24 21.08 17.64 -15.47
C HIS D 24 21.20 16.31 -16.27
N ASP D 25 20.29 15.35 -16.02
CA ASP D 25 20.24 14.06 -16.72
C ASP D 25 19.10 13.99 -17.76
N GLU D 26 18.87 12.78 -18.24
CA GLU D 26 17.83 12.53 -19.23
C GLU D 26 16.43 12.79 -18.68
N ARG D 27 15.51 13.15 -19.58
CA ARG D 27 14.21 13.65 -19.18
C ARG D 27 13.17 13.17 -20.15
N THR D 28 12.03 12.72 -19.62
CA THR D 28 10.92 12.29 -20.46
C THR D 28 9.60 12.92 -20.03
N PHE D 29 8.66 13.05 -20.98
CA PHE D 29 7.35 13.61 -20.71
C PHE D 29 6.59 12.39 -20.27
N VAL D 30 5.91 12.49 -19.12
CA VAL D 30 4.96 11.50 -18.64
C VAL D 30 3.58 12.17 -18.38
N MET D 31 2.48 11.54 -18.80
CA MET D 31 1.19 12.13 -18.63
C MET D 31 0.20 11.12 -18.07
N VAL D 32 -0.45 11.40 -16.95
CA VAL D 32 -1.66 10.65 -16.56
C VAL D 32 -2.87 11.15 -17.41
N LYS D 33 -3.57 10.19 -17.98
CA LYS D 33 -4.55 10.50 -18.99
C LYS D 33 -5.90 10.74 -18.31
N PRO D 34 -6.87 11.24 -19.04
CA PRO D 34 -8.15 11.57 -18.43
C PRO D 34 -8.77 10.44 -17.61
N ASP D 35 -8.54 9.19 -18.01
CA ASP D 35 -9.11 8.04 -17.31
C ASP D 35 -8.54 7.80 -15.92
N GLY D 36 -7.23 7.94 -15.78
CA GLY D 36 -6.61 7.78 -14.50
C GLY D 36 -6.77 8.96 -13.58
N VAL D 37 -7.15 10.10 -14.12
CA VAL D 37 -7.48 11.24 -13.30
C VAL D 37 -8.88 11.03 -12.74
N GLN D 38 -9.76 10.56 -13.60
CA GLN D 38 -11.13 10.28 -13.19
C GLN D 38 -11.21 9.14 -12.19
N ARG D 39 -10.31 8.16 -12.31
CA ARG D 39 -10.34 7.01 -11.46
C ARG D 39 -9.54 7.19 -10.20
N GLY D 40 -9.00 8.38 -9.92
CA GLY D 40 -8.24 8.64 -8.69
C GLY D 40 -6.87 7.98 -8.59
N LEU D 41 -6.19 7.83 -9.72
CA LEU D 41 -4.89 7.12 -9.72
C LEU D 41 -3.63 7.96 -9.89
N ILE D 42 -3.79 9.26 -9.87
CA ILE D 42 -2.67 10.14 -10.08
C ILE D 42 -1.59 9.86 -9.06
N GLY D 43 -2.01 9.75 -7.81
CA GLY D 43 -1.03 9.57 -6.75
C GLY D 43 -0.40 8.21 -6.87
N ASP D 44 -1.19 7.21 -7.26
CA ASP D 44 -0.64 5.88 -7.43
C ASP D 44 0.40 5.89 -8.53
N ILE D 45 0.16 6.69 -9.55
CA ILE D 45 1.09 6.72 -10.68
C ILE D 45 2.38 7.50 -10.31
N VAL D 46 2.22 8.66 -9.68
CA VAL D 46 3.36 9.44 -9.21
C VAL D 46 4.19 8.57 -8.27
N THR D 47 3.59 7.81 -7.39
CA THR D 47 4.37 7.05 -6.39
C THR D 47 5.34 6.02 -7.03
N ARG D 48 4.87 5.36 -8.07
CA ARG D 48 5.65 4.42 -8.82
C ARG D 48 6.88 5.05 -9.43
N LEU D 49 6.74 6.19 -10.04
CA LEU D 49 7.90 6.82 -10.64
C LEU D 49 8.83 7.34 -9.55
N GLU D 50 8.30 7.80 -8.43
CA GLU D 50 9.12 8.29 -7.33
C GLU D 50 9.97 7.18 -6.64
N THR D 51 9.38 6.02 -6.35
CA THR D 51 10.04 4.99 -5.59
C THR D 51 11.05 4.20 -6.45
N LYS D 52 10.83 4.26 -7.77
CA LYS D 52 11.80 3.81 -8.78
C LYS D 52 13.13 4.60 -8.66
N GLY D 53 13.07 5.85 -8.22
CA GLY D 53 14.25 6.67 -8.06
C GLY D 53 14.25 7.90 -8.92
N LEU D 54 13.15 8.13 -9.65
CA LEU D 54 13.11 9.16 -10.66
C LEU D 54 12.72 10.44 -10.01
N LYS D 55 13.18 11.52 -10.58
CA LYS D 55 13.04 12.84 -9.99
C LYS D 55 12.05 13.63 -10.82
N MET D 56 10.98 14.09 -10.20
CA MET D 56 10.04 15.02 -10.85
C MET D 56 10.76 16.35 -11.09
N VAL D 57 10.47 16.93 -12.21
CA VAL D 57 11.11 18.15 -12.67
C VAL D 57 10.03 19.07 -13.26
N GLY D 58 8.86 18.51 -13.57
CA GLY D 58 7.76 19.25 -14.10
C GLY D 58 6.46 18.53 -13.78
N GLY D 59 5.43 19.32 -13.56
CA GLY D 59 4.17 18.83 -13.04
C GLY D 59 3.12 19.90 -13.18
N LYS D 60 2.06 19.55 -13.92
CA LYS D 60 1.03 20.48 -14.28
C LYS D 60 -0.34 19.81 -14.40
N PHE D 61 -1.31 20.18 -13.58
CA PHE D 61 -2.67 19.71 -13.80
C PHE D 61 -3.32 20.61 -14.83
N MET D 62 -3.86 20.04 -15.90
CA MET D 62 -4.24 20.89 -17.03
C MET D 62 -5.20 20.22 -17.94
N ARG D 63 -5.88 21.02 -18.71
CA ARG D 63 -6.75 20.50 -19.73
C ARG D 63 -6.07 20.62 -21.08
N ILE D 64 -6.38 19.70 -21.98
CA ILE D 64 -5.74 19.64 -23.28
C ILE D 64 -6.80 19.86 -24.34
N ASP D 65 -6.55 20.80 -25.27
CA ASP D 65 -7.53 21.09 -26.35
C ASP D 65 -7.23 20.35 -27.63
N GLU D 66 -8.19 20.37 -28.57
CA GLU D 66 -8.04 19.58 -29.79
C GLU D 66 -6.73 19.97 -30.47
N GLU D 67 -6.45 21.25 -30.53
CA GLU D 67 -5.23 21.76 -31.18
C GLU D 67 -3.99 21.09 -30.68
N LEU D 68 -3.80 21.12 -29.37
CA LEU D 68 -2.65 20.54 -28.69
C LEU D 68 -2.64 19.03 -28.92
N ALA D 69 -3.81 18.42 -28.91
CA ALA D 69 -3.96 17.01 -29.12
C ALA D 69 -3.56 16.63 -30.54
N HIS D 70 -3.86 17.53 -31.50
CA HIS D 70 -3.52 17.31 -32.90
C HIS D 70 -2.00 17.35 -32.95
N GLU D 71 -1.34 18.28 -32.25
CA GLU D 71 0.13 18.42 -32.32
C GLU D 71 0.89 17.32 -31.54
N HIS D 72 0.21 16.66 -30.59
CA HIS D 72 0.88 15.67 -29.76
C HIS D 72 0.85 14.32 -30.43
N TYR D 73 -0.31 14.00 -30.98
CA TYR D 73 -0.45 12.79 -31.75
C TYR D 73 -0.40 13.13 -33.23
N ALA D 74 0.56 13.98 -33.61
CA ALA D 74 0.69 14.46 -34.97
C ALA D 74 0.82 13.29 -35.94
N GLU D 75 1.71 12.38 -35.59
CA GLU D 75 2.06 11.24 -36.44
C GLU D 75 0.94 10.26 -36.76
N HIS D 76 -0.14 10.26 -35.99
CA HIS D 76 -1.24 9.31 -36.21
C HIS D 76 -2.40 9.91 -36.96
N GLU D 77 -2.20 11.06 -37.61
CA GLU D 77 -3.27 11.78 -38.33
C GLU D 77 -4.07 10.96 -39.36
N ASP D 78 -3.40 10.05 -40.08
CA ASP D 78 -4.05 9.28 -41.18
C ASP D 78 -4.90 8.15 -40.62
N LYS D 79 -4.36 7.49 -39.58
CA LYS D 79 -4.97 6.28 -38.98
C LYS D 79 -6.42 6.52 -38.55
N PRO D 80 -7.20 5.45 -38.47
CA PRO D 80 -8.67 5.53 -38.29
C PRO D 80 -9.18 5.76 -36.85
N PHE D 81 -8.27 5.59 -35.88
CA PHE D 81 -8.51 5.79 -34.45
C PHE D 81 -8.00 7.16 -34.00
N PHE D 82 -7.66 8.03 -34.94
CA PHE D 82 -7.20 9.38 -34.59
C PHE D 82 -8.30 10.17 -33.87
N ASP D 83 -9.48 10.25 -34.47
CA ASP D 83 -10.48 11.19 -33.97
C ASP D 83 -10.98 10.76 -32.56
N GLY D 84 -11.12 9.46 -32.33
CA GLY D 84 -11.43 8.93 -31.01
C GLY D 84 -10.29 9.08 -29.99
N LEU D 85 -9.06 8.97 -30.47
CA LEU D 85 -7.91 9.23 -29.64
C LEU D 85 -7.87 10.66 -29.10
N VAL D 86 -8.13 11.64 -29.97
CA VAL D 86 -8.10 13.05 -29.61
C VAL D 86 -9.25 13.41 -28.68
N SER D 87 -10.43 12.89 -29.00
CA SER D 87 -11.56 13.02 -28.10
C SER D 87 -11.26 12.45 -26.71
N PHE D 88 -10.44 11.41 -26.64
CA PHE D 88 -10.14 10.81 -25.33
C PHE D 88 -9.32 11.75 -24.46
N ILE D 89 -8.17 12.22 -24.93
CA ILE D 89 -7.29 13.03 -24.10
C ILE D 89 -7.77 14.44 -23.91
N THR D 90 -8.85 14.78 -24.57
CA THR D 90 -9.48 16.08 -24.29
C THR D 90 -10.77 15.88 -23.53
N SER D 91 -11.03 14.68 -23.00
CA SER D 91 -12.39 14.40 -22.49
C SER D 91 -12.58 14.82 -21.02
N GLY D 92 -11.49 15.25 -20.42
CA GLY D 92 -11.38 15.70 -19.06
C GLY D 92 -9.88 15.93 -18.85
N PRO D 93 -9.53 16.44 -17.69
CA PRO D 93 -8.16 16.87 -17.41
C PRO D 93 -7.12 15.74 -17.45
N VAL D 94 -5.86 16.13 -17.61
CA VAL D 94 -4.69 15.23 -17.41
C VAL D 94 -3.69 15.77 -16.42
N PHE D 95 -2.71 14.95 -16.08
CA PHE D 95 -1.70 15.41 -15.16
C PHE D 95 -0.35 15.20 -15.84
N ALA D 96 0.23 16.29 -16.33
CA ALA D 96 1.36 16.24 -17.23
C ALA D 96 2.62 16.49 -16.44
N MET D 97 3.64 15.72 -16.77
CA MET D 97 4.87 15.72 -15.95
C MET D 97 6.08 15.59 -16.83
N VAL D 98 7.22 15.88 -16.22
CA VAL D 98 8.51 15.54 -16.79
C VAL D 98 9.35 14.87 -15.71
N TRP D 99 9.99 13.76 -16.06
CA TRP D 99 10.81 13.02 -15.12
C TRP D 99 12.25 12.90 -15.59
N GLU D 100 13.17 13.07 -14.67
CA GLU D 100 14.60 12.96 -14.94
C GLU D 100 15.26 11.78 -14.22
N GLY D 101 16.15 11.09 -14.94
CA GLY D 101 17.00 10.12 -14.32
C GLY D 101 17.67 9.32 -15.38
N ALA D 102 18.53 8.39 -14.98
CA ALA D 102 19.29 7.60 -15.92
C ALA D 102 18.35 6.74 -16.70
N ASP D 103 18.42 6.91 -18.01
CA ASP D 103 17.61 6.11 -18.92
C ASP D 103 16.08 6.32 -18.66
N ALA D 104 15.67 7.51 -18.21
CA ALA D 104 14.29 7.72 -17.71
C ALA D 104 13.24 7.41 -18.76
N THR D 105 13.53 7.71 -20.01
CA THR D 105 12.54 7.48 -21.06
C THR D 105 12.23 5.99 -21.20
N ARG D 106 13.28 5.18 -21.12
CA ARG D 106 13.14 3.73 -21.20
C ARG D 106 12.52 3.14 -19.93
N GLN D 107 12.81 3.74 -18.78
CA GLN D 107 12.42 3.09 -17.56
C GLN D 107 10.93 3.30 -17.41
N VAL D 108 10.49 4.50 -17.70
CA VAL D 108 9.09 4.79 -17.69
C VAL D 108 8.31 3.85 -18.60
N ARG D 109 8.79 3.58 -19.80
CA ARG D 109 8.00 2.73 -20.72
C ARG D 109 7.90 1.28 -20.29
N GLN D 110 8.85 0.80 -19.52
CA GLN D 110 8.83 -0.54 -18.92
C GLN D 110 7.93 -0.58 -17.69
N LEU D 111 8.00 0.46 -16.89
CA LEU D 111 7.03 0.66 -15.83
C LEU D 111 5.60 0.71 -16.36
N MET D 112 5.38 1.32 -17.53
CA MET D 112 4.02 1.52 -18.01
C MET D 112 3.50 0.20 -18.56
N GLY D 113 4.35 -0.50 -19.31
CA GLY D 113 3.99 -1.72 -20.02
C GLY D 113 3.40 -1.50 -21.40
N ALA D 114 3.15 -2.60 -22.11
CA ALA D 114 2.54 -2.57 -23.47
C ALA D 114 1.31 -1.64 -23.63
N THR D 115 1.14 -1.06 -24.82
CA THR D 115 0.22 0.04 -25.04
C THR D 115 -1.21 -0.36 -24.87
N ASP D 116 -1.53 -1.58 -25.25
CA ASP D 116 -2.84 -2.16 -25.03
C ASP D 116 -2.84 -2.80 -23.66
N ALA D 117 -3.58 -2.21 -22.70
CA ALA D 117 -3.51 -2.72 -21.30
C ALA D 117 -3.87 -4.18 -21.11
N GLN D 118 -4.65 -4.77 -21.99
CA GLN D 118 -5.01 -6.18 -21.85
C GLN D 118 -3.83 -7.15 -22.05
N ASP D 119 -2.69 -6.61 -22.52
CA ASP D 119 -1.47 -7.38 -22.79
C ASP D 119 -0.31 -6.92 -21.93
N ALA D 120 -0.50 -5.85 -21.18
CA ALA D 120 0.54 -5.43 -20.31
C ALA D 120 0.62 -6.44 -19.15
N ALA D 121 1.81 -6.57 -18.59
CA ALA D 121 2.08 -7.55 -17.53
C ALA D 121 1.79 -6.97 -16.16
N PRO D 122 1.22 -7.77 -15.28
CA PRO D 122 1.12 -7.41 -13.87
C PRO D 122 2.44 -6.87 -13.39
N GLY D 123 2.38 -5.90 -12.49
CA GLY D 123 3.54 -5.17 -12.07
C GLY D 123 3.63 -3.87 -12.83
N THR D 124 3.32 -3.86 -14.12
CA THR D 124 3.24 -2.56 -14.81
C THR D 124 2.01 -1.75 -14.45
N ILE D 125 2.12 -0.46 -14.56
CA ILE D 125 0.96 0.43 -14.38
C ILE D 125 -0.25 -0.06 -15.20
N ARG D 126 -0.06 -0.21 -16.49
CA ARG D 126 -1.18 -0.58 -17.35
C ARG D 126 -1.66 -2.02 -17.07
N GLY D 127 -0.74 -2.89 -16.67
CA GLY D 127 -1.14 -4.26 -16.41
C GLY D 127 -1.99 -4.39 -15.18
N ASP D 128 -1.64 -3.66 -14.15
CA ASP D 128 -2.34 -3.70 -12.86
C ASP D 128 -3.64 -2.87 -12.90
N TYR D 129 -3.60 -1.74 -13.62
CA TYR D 129 -4.64 -0.69 -13.49
C TYR D 129 -5.63 -0.63 -14.64
N GLY D 130 -5.31 -1.19 -15.81
CA GLY D 130 -6.26 -1.01 -16.93
C GLY D 130 -6.64 -2.26 -17.67
N ASN D 131 -7.67 -2.20 -18.51
CA ASN D 131 -7.84 -3.22 -19.57
C ASN D 131 -8.72 -2.71 -20.71
N ASP D 132 -8.03 -2.08 -21.62
CA ASP D 132 -8.60 -1.40 -22.76
C ASP D 132 -7.30 -0.93 -23.38
N LEU D 133 -7.26 -0.68 -24.69
CA LEU D 133 -6.10 -0.03 -25.31
C LEU D 133 -6.25 1.52 -25.44
N GLY D 134 -7.45 1.99 -25.79
CA GLY D 134 -7.71 3.44 -25.79
C GLY D 134 -7.62 4.08 -24.41
N HIS D 135 -8.29 3.51 -23.43
CA HIS D 135 -8.26 4.04 -22.07
C HIS D 135 -7.19 3.29 -21.34
N ASN D 136 -5.95 3.78 -21.49
CA ASN D 136 -4.81 3.06 -21.02
C ASN D 136 -3.92 3.87 -20.12
N LEU D 137 -4.54 4.79 -19.38
CA LEU D 137 -4.02 5.33 -18.09
C LEU D 137 -2.95 6.37 -18.16
N ILE D 138 -1.88 6.08 -18.85
CA ILE D 138 -0.67 6.90 -18.81
C ILE D 138 -0.06 7.04 -20.20
N HIS D 139 0.63 8.14 -20.45
CA HIS D 139 1.46 8.26 -21.65
C HIS D 139 2.86 8.52 -21.22
N GLY D 140 3.81 7.93 -21.92
CA GLY D 140 5.24 8.23 -21.71
C GLY D 140 5.98 8.39 -23.04
N SER D 141 7.00 9.26 -23.11
CA SER D 141 7.76 9.48 -24.40
C SER D 141 8.26 8.13 -24.91
N ASP D 142 8.31 7.91 -26.22
CA ASP D 142 8.74 6.62 -26.81
C ASP D 142 10.26 6.61 -26.92
N HIS D 143 10.93 5.78 -26.15
CA HIS D 143 12.41 5.82 -26.11
C HIS D 143 13.00 5.29 -27.40
N GLU D 144 12.21 4.49 -28.11
CA GLU D 144 12.57 4.00 -29.44
C GLU D 144 12.33 5.05 -30.58
N ASP D 145 12.10 6.34 -30.27
CA ASP D 145 11.77 7.35 -31.31
C ASP D 145 12.57 8.63 -31.05
N GLU D 146 13.74 8.74 -31.67
CA GLU D 146 14.78 9.66 -31.23
C GLU D 146 14.22 11.06 -31.03
N GLY D 147 14.55 11.62 -29.86
CA GLY D 147 14.23 12.99 -29.51
C GLY D 147 12.75 13.25 -29.16
N ALA D 148 11.91 12.21 -29.16
CA ALA D 148 10.47 12.32 -28.94
C ALA D 148 10.20 12.86 -27.54
N ASN D 149 10.99 12.40 -26.60
CA ASN D 149 10.96 12.94 -25.29
C ASN D 149 11.12 14.47 -25.30
N GLU D 150 12.17 14.98 -25.95
CA GLU D 150 12.51 16.44 -25.91
C GLU D 150 11.40 17.24 -26.62
N ARG D 151 10.86 16.69 -27.69
CA ARG D 151 9.79 17.35 -28.44
C ARG D 151 8.50 17.44 -27.61
N GLU D 152 8.17 16.38 -26.89
CA GLU D 152 6.96 16.37 -26.08
C GLU D 152 7.13 17.23 -24.83
N ILE D 153 8.32 17.25 -24.27
CA ILE D 153 8.58 18.15 -23.17
C ILE D 153 8.36 19.59 -23.58
N ALA D 154 8.89 19.97 -24.75
CA ALA D 154 8.80 21.36 -25.21
C ALA D 154 7.37 21.72 -25.61
N LEU D 155 6.62 20.75 -26.10
CA LEU D 155 5.19 20.93 -26.36
C LEU D 155 4.32 21.32 -25.15
N PHE D 156 4.45 20.56 -24.04
CA PHE D 156 3.56 20.70 -22.88
C PHE D 156 4.10 21.64 -21.82
N PHE D 157 5.38 21.87 -21.81
CA PHE D 157 5.98 22.74 -20.80
C PHE D 157 6.84 23.82 -21.44
N ASP D 158 7.10 24.90 -20.70
CA ASP D 158 8.17 25.85 -21.08
C ASP D 158 9.25 25.81 -20.02
N ASP D 159 10.41 26.36 -20.33
CA ASP D 159 11.58 26.13 -19.48
C ASP D 159 11.41 26.65 -18.03
N ASP D 160 10.66 27.74 -17.84
CA ASP D 160 10.43 28.28 -16.51
C ASP D 160 9.41 27.44 -15.69
N GLU D 161 8.84 26.41 -16.31
CA GLU D 161 8.02 25.43 -15.62
C GLU D 161 8.81 24.18 -15.26
N LEU D 162 10.12 24.16 -15.48
CA LEU D 162 10.86 22.94 -15.17
C LEU D 162 11.94 23.21 -14.16
N VAL D 163 11.64 22.81 -12.93
CA VAL D 163 12.53 23.10 -11.81
C VAL D 163 13.88 22.38 -11.95
N ASP D 164 14.96 23.12 -11.75
CA ASP D 164 16.28 22.50 -11.73
C ASP D 164 16.68 22.28 -10.25
N TRP D 165 16.76 21.04 -9.76
CA TRP D 165 17.12 20.78 -8.34
C TRP D 165 18.00 19.56 -8.11
N ASP D 166 18.55 19.46 -6.90
CA ASP D 166 19.40 18.36 -6.43
C ASP D 166 18.66 17.53 -5.40
N ARG D 167 18.10 16.44 -5.88
CA ARG D 167 17.43 15.45 -5.06
C ARG D 167 18.48 14.60 -4.36
N ASP D 168 18.66 14.87 -3.07
CA ASP D 168 19.76 14.31 -2.31
C ASP D 168 19.78 12.79 -2.23
N ALA D 169 18.62 12.18 -2.27
CA ALA D 169 18.54 10.74 -2.31
C ALA D 169 18.93 10.19 -3.68
N SER D 170 19.20 11.03 -4.65
CA SER D 170 19.83 10.52 -5.86
C SER D 170 21.27 10.01 -5.62
N ALA D 171 21.95 10.47 -4.58
CA ALA D 171 23.26 9.91 -4.29
C ALA D 171 23.17 8.46 -3.89
N TRP D 172 22.05 8.04 -3.30
CA TRP D 172 21.85 6.62 -3.07
C TRP D 172 21.13 5.85 -4.18
N VAL D 173 20.54 6.56 -5.12
CA VAL D 173 19.87 5.86 -6.21
C VAL D 173 20.91 5.41 -7.23
N TYR D 174 21.96 6.22 -7.35
CA TYR D 174 22.94 6.13 -8.45
C TYR D 174 24.41 6.14 -7.96
N GLU D 175 25.25 5.20 -8.43
CA GLU D 175 26.69 5.18 -8.03
C GLU D 175 27.44 6.38 -8.62
N ASP D 176 27.24 6.65 -9.91
CA ASP D 176 27.94 7.72 -10.60
C ASP D 176 27.68 9.07 -9.94
N LEU D 177 26.40 9.36 -9.60
CA LEU D 177 26.06 10.63 -8.94
C LEU D 177 26.70 10.81 -7.52
N ALA D 178 26.79 9.74 -6.71
CA ALA D 178 27.21 9.83 -5.28
C ALA D 178 28.46 10.70 -5.05
N ASP E 25 13.79 -26.85 5.17
CA ASP E 25 14.29 -26.92 3.76
C ASP E 25 15.42 -25.90 3.47
N GLU E 26 15.60 -25.61 2.19
CA GLU E 26 16.56 -24.63 1.72
C GLU E 26 16.56 -23.35 2.56
N ARG E 27 17.73 -22.75 2.69
CA ARG E 27 17.88 -21.43 3.27
C ARG E 27 18.61 -20.60 2.18
N THR E 28 18.56 -19.26 2.29
CA THR E 28 19.32 -18.37 1.39
C THR E 28 19.73 -17.14 2.15
N PHE E 29 20.75 -16.48 1.65
CA PHE E 29 21.27 -15.27 2.25
C PHE E 29 20.82 -14.13 1.36
N VAL E 30 20.22 -13.14 2.02
CA VAL E 30 19.66 -11.97 1.36
C VAL E 30 20.06 -10.78 2.17
N MET E 31 20.59 -9.75 1.51
CA MET E 31 21.06 -8.57 2.19
C MET E 31 20.44 -7.33 1.58
N VAL E 32 19.98 -6.42 2.42
CA VAL E 32 19.60 -5.08 1.95
C VAL E 32 20.83 -4.24 1.99
N LYS E 33 21.29 -3.82 0.80
CA LYS E 33 22.60 -3.16 0.63
C LYS E 33 22.39 -1.76 1.12
N PRO E 34 23.48 -0.99 1.30
CA PRO E 34 23.37 0.32 1.93
C PRO E 34 22.44 1.32 1.24
N ASP E 35 22.22 1.17 -0.07
CA ASP E 35 21.34 2.09 -0.79
C ASP E 35 19.88 1.91 -0.26
N GLY E 36 19.46 0.66 -0.14
CA GLY E 36 18.16 0.32 0.38
C GLY E 36 17.96 0.69 1.85
N VAL E 37 19.02 0.68 2.64
CA VAL E 37 18.83 1.03 4.04
C VAL E 37 18.56 2.52 4.10
N GLN E 38 19.55 3.27 3.62
CA GLN E 38 19.47 4.72 3.41
C GLN E 38 18.14 5.23 2.85
N ARG E 39 17.70 4.65 1.76
CA ARG E 39 16.43 5.05 1.16
C ARG E 39 15.18 4.62 1.93
N GLY E 40 15.29 3.81 2.98
CA GLY E 40 14.18 3.52 3.88
C GLY E 40 13.24 2.44 3.37
N LEU E 41 13.87 1.39 2.90
CA LEU E 41 13.25 0.34 2.13
C LEU E 41 13.33 -1.03 2.79
N ILE E 42 13.92 -1.14 3.98
CA ILE E 42 14.20 -2.48 4.51
C ILE E 42 12.92 -3.14 4.90
N GLY E 43 11.94 -2.35 5.31
CA GLY E 43 10.61 -2.83 5.61
C GLY E 43 9.86 -3.40 4.41
N ASP E 44 9.84 -2.68 3.31
CA ASP E 44 9.33 -3.10 1.99
C ASP E 44 9.92 -4.39 1.43
N ILE E 45 11.23 -4.53 1.45
CA ILE E 45 11.85 -5.77 1.03
C ILE E 45 11.43 -6.91 1.97
N VAL E 46 11.47 -6.67 3.28
CA VAL E 46 11.13 -7.71 4.22
C VAL E 46 9.69 -8.13 4.04
N THR E 47 8.81 -7.17 3.79
CA THR E 47 7.41 -7.49 3.55
C THR E 47 7.25 -8.36 2.29
N ARG E 48 7.92 -8.03 1.19
CA ARG E 48 7.75 -8.83 0.01
C ARG E 48 8.21 -10.28 0.16
N LEU E 49 9.18 -10.52 1.06
CA LEU E 49 9.63 -11.87 1.27
C LEU E 49 8.62 -12.57 2.20
N GLU E 50 8.18 -11.89 3.26
CA GLU E 50 7.07 -12.38 4.09
C GLU E 50 5.81 -12.80 3.36
N THR E 51 5.34 -11.98 2.42
CA THR E 51 4.04 -12.23 1.81
C THR E 51 4.20 -13.32 0.75
N LYS E 52 5.42 -13.50 0.23
CA LYS E 52 5.74 -14.62 -0.68
C LYS E 52 5.62 -15.95 0.05
N GLY E 53 5.71 -15.91 1.37
CA GLY E 53 5.53 -17.09 2.19
C GLY E 53 6.81 -17.70 2.75
N LEU E 54 7.96 -17.05 2.54
CA LEU E 54 9.26 -17.54 3.06
C LEU E 54 9.39 -17.22 4.55
N LYS E 55 10.28 -17.92 5.24
CA LYS E 55 10.41 -17.82 6.71
C LYS E 55 11.71 -17.12 7.12
N MET E 56 11.59 -15.96 7.75
CA MET E 56 12.78 -15.33 8.26
C MET E 56 13.34 -16.27 9.33
N VAL E 57 14.64 -16.42 9.33
CA VAL E 57 15.29 -17.43 10.16
C VAL E 57 16.55 -16.88 10.81
N GLY E 58 17.12 -15.84 10.19
CA GLY E 58 18.00 -14.90 10.83
C GLY E 58 17.92 -13.54 10.17
N GLY E 59 18.26 -12.53 10.95
CA GLY E 59 18.38 -11.19 10.42
C GLY E 59 19.14 -10.29 11.35
N LYS E 60 19.96 -9.41 10.81
CA LYS E 60 20.82 -8.62 11.66
C LYS E 60 21.27 -7.38 10.93
N PHE E 61 21.03 -6.24 11.53
CA PHE E 61 21.40 -4.95 11.00
C PHE E 61 22.85 -4.69 11.42
N MET E 62 23.78 -4.54 10.47
CA MET E 62 25.18 -4.39 10.82
C MET E 62 26.02 -3.63 9.83
N ARG E 63 27.13 -3.07 10.30
CA ARG E 63 28.08 -2.51 9.37
C ARG E 63 29.06 -3.60 8.92
N ILE E 64 29.23 -3.75 7.62
CA ILE E 64 30.27 -4.60 7.04
C ILE E 64 31.66 -3.88 7.06
N ASP E 65 32.71 -4.62 7.44
CA ASP E 65 34.10 -4.14 7.31
C ASP E 65 34.71 -4.63 5.98
N GLU E 66 35.82 -4.01 5.58
CA GLU E 66 36.51 -4.33 4.32
C GLU E 66 36.97 -5.80 4.22
N GLU E 67 37.34 -6.40 5.35
CA GLU E 67 37.69 -7.85 5.38
C GLU E 67 36.55 -8.76 4.92
N LEU E 68 35.34 -8.52 5.45
CA LEU E 68 34.17 -9.35 5.18
C LEU E 68 33.72 -9.12 3.75
N ALA E 69 34.02 -7.93 3.25
CA ALA E 69 33.57 -7.44 1.96
C ALA E 69 34.45 -8.01 0.87
N HIS E 70 35.77 -7.97 1.12
CA HIS E 70 36.79 -8.60 0.28
C HIS E 70 36.46 -10.12 0.16
N GLU E 71 35.96 -10.73 1.23
CA GLU E 71 35.67 -12.17 1.24
C GLU E 71 34.41 -12.57 0.48
N HIS E 72 33.38 -11.72 0.56
CA HIS E 72 32.05 -11.90 -0.06
C HIS E 72 32.11 -11.66 -1.57
N TYR E 73 32.84 -10.62 -1.95
CA TYR E 73 33.06 -10.27 -3.36
C TYR E 73 34.48 -10.74 -3.83
N ALA E 74 34.85 -11.97 -3.42
CA ALA E 74 36.16 -12.57 -3.74
C ALA E 74 36.19 -13.15 -5.15
N GLU E 75 35.03 -13.52 -5.69
CA GLU E 75 34.92 -13.88 -7.12
C GLU E 75 35.39 -12.75 -8.07
N HIS E 76 35.51 -11.52 -7.55
CA HIS E 76 35.93 -10.36 -8.32
C HIS E 76 37.16 -9.58 -7.74
N GLU E 77 38.04 -10.22 -6.94
CA GLU E 77 39.29 -9.54 -6.52
C GLU E 77 40.15 -9.17 -7.75
N ASP E 78 39.78 -9.71 -8.92
CA ASP E 78 40.58 -9.58 -10.15
C ASP E 78 40.11 -8.43 -11.06
N LYS E 79 38.85 -8.02 -10.93
CA LYS E 79 38.25 -7.06 -11.88
C LYS E 79 38.49 -5.61 -11.43
N PRO E 80 38.27 -4.65 -12.32
CA PRO E 80 38.59 -3.25 -12.05
C PRO E 80 37.56 -2.60 -11.15
N PHE E 81 36.29 -3.03 -11.24
CA PHE E 81 35.19 -2.47 -10.44
C PHE E 81 35.20 -2.91 -8.97
N PHE E 82 36.09 -3.83 -8.62
CA PHE E 82 36.21 -4.33 -7.25
C PHE E 82 36.43 -3.25 -6.22
N ASP E 83 37.47 -2.43 -6.38
CA ASP E 83 37.77 -1.39 -5.37
C ASP E 83 36.51 -0.57 -5.03
N GLY E 84 35.75 -0.17 -6.06
CA GLY E 84 34.54 0.62 -5.89
C GLY E 84 33.35 -0.14 -5.30
N LEU E 85 33.24 -1.42 -5.63
CA LEU E 85 32.19 -2.32 -5.14
C LEU E 85 32.26 -2.51 -3.65
N VAL E 86 33.48 -2.51 -3.12
CA VAL E 86 33.75 -2.72 -1.71
C VAL E 86 33.64 -1.38 -0.98
N SER E 87 33.89 -0.27 -1.67
CA SER E 87 33.67 1.03 -1.06
C SER E 87 32.17 1.19 -0.82
N PHE E 88 31.34 0.62 -1.71
CA PHE E 88 29.89 0.72 -1.62
C PHE E 88 29.31 -0.14 -0.50
N ILE E 89 29.58 -1.44 -0.49
CA ILE E 89 28.97 -2.29 0.53
C ILE E 89 29.46 -2.01 1.97
N THR E 90 30.40 -1.07 2.13
CA THR E 90 30.88 -0.61 3.43
C THR E 90 30.63 0.89 3.65
N SER E 91 30.11 1.59 2.63
CA SER E 91 29.64 2.99 2.76
C SER E 91 28.49 3.21 3.70
N GLY E 92 27.80 2.17 4.13
CA GLY E 92 26.77 2.37 5.12
C GLY E 92 26.27 1.04 5.57
N PRO E 93 25.53 0.97 6.65
CA PRO E 93 25.05 -0.32 7.15
C PRO E 93 24.13 -1.02 6.16
N VAL E 94 23.99 -2.32 6.39
CA VAL E 94 23.12 -3.19 5.65
C VAL E 94 22.32 -3.94 6.67
N PHE E 95 21.32 -4.66 6.16
CA PHE E 95 20.44 -5.48 6.95
C PHE E 95 20.58 -6.86 6.36
N ALA E 96 21.23 -7.71 7.14
CA ALA E 96 21.67 -9.04 6.71
C ALA E 96 20.69 -10.09 7.12
N MET E 97 20.21 -10.91 6.20
CA MET E 97 19.13 -11.86 6.53
C MET E 97 19.38 -13.28 6.03
N VAL E 98 18.61 -14.21 6.59
CA VAL E 98 18.53 -15.57 6.09
C VAL E 98 17.06 -16.00 6.08
N TRP E 99 16.61 -16.51 4.93
CA TRP E 99 15.24 -16.95 4.73
C TRP E 99 15.13 -18.43 4.29
N GLU E 100 14.18 -19.15 4.87
CA GLU E 100 13.93 -20.56 4.59
C GLU E 100 12.68 -20.85 3.71
N GLY E 101 12.79 -21.79 2.75
CA GLY E 101 11.61 -22.30 2.06
C GLY E 101 11.79 -23.06 0.75
N ALA E 102 10.74 -23.73 0.36
CA ALA E 102 10.78 -24.42 -0.91
C ALA E 102 11.38 -23.56 -2.00
N ASP E 103 12.58 -23.96 -2.43
CA ASP E 103 13.27 -23.33 -3.54
C ASP E 103 13.59 -21.90 -3.16
N ALA E 104 13.98 -21.67 -1.92
CA ALA E 104 14.11 -20.32 -1.39
C ALA E 104 15.13 -19.47 -2.11
N THR E 105 15.96 -20.10 -2.95
CA THR E 105 17.10 -19.40 -3.55
C THR E 105 16.68 -18.95 -4.92
N ARG E 106 16.07 -19.83 -5.69
CA ARG E 106 15.57 -19.37 -6.99
C ARG E 106 14.50 -18.29 -6.72
N GLN E 107 13.60 -18.57 -5.78
CA GLN E 107 12.48 -17.67 -5.50
C GLN E 107 12.93 -16.28 -5.11
N VAL E 108 13.91 -16.14 -4.23
CA VAL E 108 14.39 -14.80 -3.85
C VAL E 108 15.23 -14.13 -4.91
N ARG E 109 15.70 -14.88 -5.90
CA ARG E 109 16.34 -14.29 -7.06
C ARG E 109 15.28 -13.85 -8.05
N GLN E 110 14.18 -14.57 -8.05
CA GLN E 110 13.04 -14.32 -8.90
C GLN E 110 12.35 -13.04 -8.48
N LEU E 111 12.07 -12.87 -7.18
CA LEU E 111 11.53 -11.63 -6.65
C LEU E 111 12.50 -10.46 -6.74
N MET E 112 13.80 -10.65 -6.58
CA MET E 112 14.74 -9.53 -6.66
C MET E 112 14.73 -8.85 -8.03
N GLY E 113 14.61 -9.62 -9.08
CA GLY E 113 14.74 -9.08 -10.42
C GLY E 113 16.18 -9.10 -10.88
N ALA E 114 16.38 -8.84 -12.17
CA ALA E 114 17.72 -8.79 -12.81
C ALA E 114 18.73 -7.95 -12.04
N THR E 115 20.02 -8.24 -12.22
CA THR E 115 21.09 -7.60 -11.43
C THR E 115 21.15 -6.11 -11.67
N ASP E 116 20.97 -5.75 -12.94
CA ASP E 116 20.84 -4.38 -13.37
C ASP E 116 19.36 -3.97 -13.22
N ALA E 117 19.10 -3.18 -12.19
CA ALA E 117 17.76 -2.74 -11.93
C ALA E 117 17.15 -2.10 -13.19
N GLN E 118 17.99 -1.57 -14.06
CA GLN E 118 17.51 -0.96 -15.27
C GLN E 118 16.83 -1.93 -16.26
N ASP E 119 17.27 -3.19 -16.30
CA ASP E 119 16.58 -4.27 -17.04
C ASP E 119 15.61 -5.10 -16.21
N ALA E 120 15.49 -4.85 -14.90
CA ALA E 120 14.63 -5.67 -14.03
C ALA E 120 13.12 -5.41 -14.26
N ALA E 121 12.38 -6.45 -14.55
CA ALA E 121 10.96 -6.36 -14.76
C ALA E 121 10.21 -5.66 -13.60
N PRO E 122 9.22 -4.87 -13.96
CA PRO E 122 8.34 -4.26 -12.95
C PRO E 122 7.51 -5.37 -12.32
N GLY E 123 7.32 -5.27 -11.02
CA GLY E 123 6.88 -6.41 -10.23
C GLY E 123 7.99 -6.86 -9.30
N THR E 124 9.24 -6.97 -9.79
CA THR E 124 10.37 -7.34 -8.93
C THR E 124 10.82 -6.19 -8.05
N ILE E 125 11.75 -6.46 -7.12
CA ILE E 125 12.24 -5.44 -6.21
C ILE E 125 13.18 -4.42 -6.85
N ARG E 126 13.95 -4.81 -7.85
CA ARG E 126 14.80 -3.84 -8.50
C ARG E 126 14.02 -3.14 -9.58
N GLY E 127 12.99 -3.79 -10.11
CA GLY E 127 12.23 -3.22 -11.19
C GLY E 127 11.34 -2.08 -10.69
N ASP E 128 10.85 -2.23 -9.46
CA ASP E 128 10.06 -1.22 -8.77
C ASP E 128 10.91 -0.15 -8.06
N TYR E 129 12.07 -0.52 -7.54
CA TYR E 129 12.81 0.39 -6.69
C TYR E 129 14.11 0.92 -7.21
N GLY E 130 14.70 0.26 -8.17
CA GLY E 130 16.07 0.58 -8.51
C GLY E 130 16.16 1.12 -9.89
N ASN E 131 17.22 1.90 -10.08
CA ASN E 131 17.55 2.43 -11.40
C ASN E 131 19.07 2.44 -11.63
N ASP E 132 19.71 1.30 -11.38
CA ASP E 132 21.16 1.24 -11.41
C ASP E 132 21.81 -0.13 -11.17
N LEU E 133 22.96 -0.36 -11.81
CA LEU E 133 23.78 -1.55 -11.63
C LEU E 133 24.35 -1.65 -10.23
N GLY E 134 25.13 -0.67 -9.81
CA GLY E 134 25.88 -0.76 -8.58
C GLY E 134 25.09 -0.48 -7.32
N HIS E 135 24.08 0.39 -7.39
CA HIS E 135 23.09 0.56 -6.31
C HIS E 135 21.80 -0.13 -6.70
N ASN E 136 21.77 -1.44 -6.40
CA ASN E 136 20.70 -2.33 -6.83
C ASN E 136 20.06 -3.08 -5.67
N LEU E 137 20.09 -2.41 -4.51
CA LEU E 137 19.14 -2.53 -3.40
C LEU E 137 19.41 -3.71 -2.48
N ILE E 138 19.76 -4.83 -3.09
CA ILE E 138 19.63 -6.08 -2.40
C ILE E 138 20.52 -7.18 -3.00
N HIS E 139 20.89 -8.13 -2.18
CA HIS E 139 21.61 -9.31 -2.64
C HIS E 139 20.84 -10.54 -2.23
N GLY E 140 21.01 -11.58 -3.05
CA GLY E 140 20.40 -12.86 -2.81
C GLY E 140 21.33 -13.85 -3.44
N SER E 141 21.93 -14.70 -2.61
CA SER E 141 22.81 -15.78 -3.05
C SER E 141 22.40 -16.29 -4.44
N ASP E 142 23.39 -16.48 -5.32
CA ASP E 142 23.15 -16.99 -6.67
C ASP E 142 22.76 -18.46 -6.62
N HIS E 143 21.69 -18.82 -7.33
CA HIS E 143 21.12 -20.18 -7.26
C HIS E 143 21.76 -21.16 -8.29
N GLU E 144 22.44 -20.62 -9.31
CA GLU E 144 23.26 -21.42 -10.26
C GLU E 144 24.62 -21.84 -9.61
N ASP E 145 25.24 -20.91 -8.87
CA ASP E 145 26.42 -21.17 -8.05
C ASP E 145 26.13 -22.14 -6.88
N GLU E 146 25.93 -23.42 -7.18
CA GLU E 146 25.66 -24.45 -6.15
C GLU E 146 26.57 -24.24 -4.89
N GLY E 147 25.94 -24.13 -3.72
CA GLY E 147 26.65 -23.92 -2.45
C GLY E 147 27.04 -22.49 -2.06
N ALA E 148 26.67 -21.50 -2.87
CA ALA E 148 26.85 -20.11 -2.47
C ALA E 148 25.83 -19.73 -1.38
N ASN E 149 24.65 -20.33 -1.37
CA ASN E 149 23.78 -20.12 -0.20
C ASN E 149 24.49 -20.50 1.13
N GLU E 150 24.86 -21.77 1.33
CA GLU E 150 25.54 -22.17 2.58
C GLU E 150 26.77 -21.29 2.87
N ARG E 151 27.56 -20.99 1.82
CA ARG E 151 28.82 -20.28 2.05
C ARG E 151 28.51 -18.86 2.52
N GLU E 152 27.56 -18.22 1.84
CA GLU E 152 27.26 -16.82 2.15
C GLU E 152 26.58 -16.65 3.51
N ILE E 153 25.72 -17.59 3.90
CA ILE E 153 25.15 -17.64 5.25
C ILE E 153 26.23 -17.89 6.28
N ALA E 154 27.15 -18.80 5.96
CA ALA E 154 28.29 -19.14 6.83
C ALA E 154 29.21 -17.94 7.00
N LEU E 155 29.25 -17.09 6.00
CA LEU E 155 30.13 -15.94 6.00
C LEU E 155 29.59 -14.73 6.81
N PHE E 156 28.27 -14.52 6.79
CA PHE E 156 27.67 -13.35 7.46
C PHE E 156 27.16 -13.68 8.87
N PHE E 157 26.77 -14.93 9.08
CA PHE E 157 26.08 -15.35 10.31
C PHE E 157 26.71 -16.56 10.95
N ASP E 158 26.88 -16.51 12.28
CA ASP E 158 27.11 -17.70 13.10
C ASP E 158 25.79 -18.37 13.47
N ASP E 159 25.86 -19.69 13.76
CA ASP E 159 24.67 -20.57 13.93
C ASP E 159 23.87 -20.35 15.23
N ASP E 160 24.47 -19.67 16.19
CA ASP E 160 23.78 -19.21 17.39
C ASP E 160 22.78 -18.07 17.05
N GLU E 161 23.11 -17.31 15.99
CA GLU E 161 22.24 -16.24 15.48
C GLU E 161 21.17 -16.78 14.56
N LEU E 162 21.04 -18.09 14.42
CA LEU E 162 20.04 -18.64 13.55
C LEU E 162 19.04 -19.45 14.34
N VAL E 163 17.80 -18.99 14.26
CA VAL E 163 16.66 -19.49 15.00
C VAL E 163 15.94 -20.57 14.18
N ASP E 164 15.84 -21.80 14.69
CA ASP E 164 14.95 -22.84 14.11
C ASP E 164 13.59 -22.55 14.69
N TRP E 165 12.54 -22.58 13.87
CA TRP E 165 11.17 -22.49 14.40
C TRP E 165 10.11 -22.97 13.42
N ASP E 166 9.00 -23.40 13.99
CA ASP E 166 7.86 -23.85 13.20
C ASP E 166 6.88 -22.67 13.14
N ARG E 167 6.66 -22.17 11.93
CA ARG E 167 5.78 -21.04 11.68
C ARG E 167 4.46 -21.60 11.29
N ASP E 168 3.47 -21.44 12.15
CA ASP E 168 2.20 -22.13 11.95
C ASP E 168 1.58 -21.83 10.55
N ALA E 169 1.80 -20.63 10.00
CA ALA E 169 1.27 -20.26 8.67
C ALA E 169 1.79 -21.11 7.49
N SER E 170 3.01 -21.62 7.57
CA SER E 170 3.56 -22.52 6.53
C SER E 170 2.72 -23.73 6.26
N ALA E 171 1.85 -24.11 7.19
CA ALA E 171 0.92 -25.18 6.92
C ALA E 171 -0.11 -24.80 5.87
N TRP E 172 -0.25 -23.52 5.57
CA TRP E 172 -1.15 -23.06 4.50
C TRP E 172 -0.37 -22.53 3.35
N VAL E 173 0.90 -22.18 3.53
CA VAL E 173 1.75 -21.84 2.38
C VAL E 173 2.07 -23.07 1.52
N TYR E 174 2.27 -24.22 2.17
CA TYR E 174 2.75 -25.44 1.50
C TYR E 174 1.85 -26.64 1.71
N GLU E 175 1.47 -27.33 0.63
CA GLU E 175 0.74 -28.62 0.70
C GLU E 175 1.65 -29.84 0.94
N ASP E 176 2.64 -29.68 1.82
CA ASP E 176 3.52 -30.75 2.30
C ASP E 176 3.59 -30.59 3.81
N LEU E 177 3.34 -29.37 4.29
CA LEU E 177 3.07 -29.10 5.70
C LEU E 177 1.56 -29.11 6.06
N ALA E 178 0.67 -29.47 5.12
CA ALA E 178 -0.80 -29.50 5.38
C ALA E 178 -1.38 -30.93 5.57
N ASP F 23 -17.69 -8.34 -26.31
CA ASP F 23 -18.23 -7.18 -25.53
C ASP F 23 -17.87 -7.29 -24.05
N HIS F 24 -18.44 -6.38 -23.30
CA HIS F 24 -17.98 -6.14 -21.95
C HIS F 24 -18.66 -7.02 -20.92
N ASP F 25 -19.66 -7.78 -21.37
CA ASP F 25 -20.39 -8.73 -20.53
C ASP F 25 -19.72 -10.07 -20.31
N GLU F 26 -18.51 -10.30 -20.80
CA GLU F 26 -17.86 -11.59 -20.56
C GLU F 26 -17.73 -11.73 -19.05
N ARG F 27 -18.03 -12.89 -18.50
CA ARG F 27 -17.87 -13.14 -17.06
C ARG F 27 -16.96 -14.30 -16.88
N THR F 28 -16.28 -14.37 -15.75
CA THR F 28 -15.40 -15.52 -15.44
C THR F 28 -15.56 -15.85 -13.97
N PHE F 29 -15.28 -17.08 -13.57
CA PHE F 29 -15.40 -17.47 -12.18
C PHE F 29 -14.04 -17.33 -11.51
N VAL F 30 -14.02 -16.77 -10.32
CA VAL F 30 -12.78 -16.66 -9.57
C VAL F 30 -13.06 -17.05 -8.16
N MET F 31 -12.04 -17.55 -7.48
CA MET F 31 -12.17 -18.04 -6.16
C MET F 31 -10.86 -17.94 -5.34
N VAL F 32 -10.95 -17.57 -4.07
CA VAL F 32 -9.81 -17.54 -3.17
C VAL F 32 -9.79 -18.85 -2.42
N LYS F 33 -8.82 -19.68 -2.74
CA LYS F 33 -8.76 -21.01 -2.21
C LYS F 33 -8.51 -20.93 -0.72
N PRO F 34 -8.65 -22.06 -0.02
CA PRO F 34 -8.53 -22.09 1.43
C PRO F 34 -7.20 -21.58 1.96
N ASP F 35 -6.16 -21.67 1.16
CA ASP F 35 -4.88 -21.22 1.70
C ASP F 35 -4.88 -19.68 1.80
N GLY F 36 -5.54 -19.06 0.81
CA GLY F 36 -5.72 -17.62 0.75
C GLY F 36 -6.67 -17.03 1.80
N VAL F 37 -7.65 -17.78 2.21
CA VAL F 37 -8.57 -17.32 3.23
C VAL F 37 -7.85 -17.41 4.57
N GLN F 38 -7.14 -18.50 4.80
CA GLN F 38 -6.43 -18.70 6.07
C GLN F 38 -5.38 -17.65 6.29
N ARG F 39 -4.69 -17.22 5.23
CA ARG F 39 -3.58 -16.24 5.35
C ARG F 39 -4.02 -14.78 5.25
N GLY F 40 -5.34 -14.52 5.20
CA GLY F 40 -5.88 -13.17 5.19
C GLY F 40 -5.58 -12.37 3.92
N LEU F 41 -5.71 -13.02 2.78
CA LEU F 41 -5.48 -12.34 1.54
C LEU F 41 -6.73 -12.25 0.70
N ILE F 42 -7.91 -12.38 1.28
CA ILE F 42 -9.11 -12.19 0.49
C ILE F 42 -9.23 -10.78 -0.12
N GLY F 43 -9.00 -9.77 0.68
CA GLY F 43 -9.13 -8.39 0.25
C GLY F 43 -8.00 -8.00 -0.65
N ASP F 44 -6.76 -8.46 -0.38
CA ASP F 44 -5.66 -8.17 -1.31
C ASP F 44 -5.97 -8.65 -2.72
N ILE F 45 -6.58 -9.83 -2.85
CA ILE F 45 -6.91 -10.35 -4.17
C ILE F 45 -8.04 -9.57 -4.80
N VAL F 46 -9.06 -9.21 -4.01
CA VAL F 46 -10.24 -8.46 -4.52
C VAL F 46 -9.83 -7.07 -5.02
N THR F 47 -8.91 -6.50 -4.28
CA THR F 47 -8.37 -5.19 -4.60
C THR F 47 -7.68 -5.24 -5.94
N ARG F 48 -6.92 -6.30 -6.20
CA ARG F 48 -6.19 -6.40 -7.43
C ARG F 48 -7.12 -6.44 -8.59
N LEU F 49 -8.24 -7.12 -8.44
CA LEU F 49 -9.16 -7.31 -9.52
C LEU F 49 -10.06 -6.12 -9.75
N GLU F 50 -10.48 -5.46 -8.70
CA GLU F 50 -11.21 -4.21 -8.88
C GLU F 50 -10.29 -3.09 -9.38
N THR F 51 -8.99 -3.17 -9.08
CA THR F 51 -8.04 -2.11 -9.45
C THR F 51 -7.74 -2.17 -10.93
N LYS F 52 -7.94 -3.35 -11.49
CA LYS F 52 -7.84 -3.64 -12.91
C LYS F 52 -9.06 -3.19 -13.72
N GLY F 53 -10.15 -2.88 -13.05
CA GLY F 53 -11.31 -2.37 -13.77
C GLY F 53 -12.41 -3.37 -13.95
N LEU F 54 -12.20 -4.58 -13.44
CA LEU F 54 -13.23 -5.60 -13.51
C LEU F 54 -14.31 -5.28 -12.50
N LYS F 55 -15.48 -5.80 -12.73
CA LYS F 55 -16.66 -5.44 -12.01
C LYS F 55 -17.07 -6.70 -11.34
N MET F 56 -17.41 -6.65 -10.08
CA MET F 56 -17.75 -7.86 -9.38
C MET F 56 -19.22 -8.01 -9.59
N VAL F 57 -19.70 -9.19 -9.88
CA VAL F 57 -21.14 -9.42 -10.06
C VAL F 57 -21.64 -10.57 -9.15
N GLY F 58 -20.71 -11.26 -8.52
CA GLY F 58 -20.99 -12.40 -7.69
C GLY F 58 -19.92 -12.50 -6.65
N GLY F 59 -20.29 -12.85 -5.46
CA GLY F 59 -19.36 -13.01 -4.37
C GLY F 59 -20.09 -13.69 -3.23
N LYS F 60 -19.44 -14.67 -2.64
CA LYS F 60 -20.08 -15.55 -1.66
C LYS F 60 -19.03 -16.27 -0.83
N PHE F 61 -19.06 -16.10 0.48
CA PHE F 61 -18.12 -16.79 1.34
C PHE F 61 -18.86 -18.07 1.65
N MET F 62 -18.15 -19.17 1.48
CA MET F 62 -18.76 -20.48 1.38
C MET F 62 -17.71 -21.52 1.57
N ARG F 63 -18.21 -22.69 1.88
CA ARG F 63 -17.42 -23.89 2.09
C ARG F 63 -17.96 -24.84 1.03
N ILE F 64 -17.00 -25.50 0.37
CA ILE F 64 -17.23 -26.45 -0.69
C ILE F 64 -17.32 -27.84 -0.13
N ASP F 65 -18.51 -28.44 -0.15
CA ASP F 65 -18.70 -29.91 0.10
C ASP F 65 -17.99 -30.81 -0.94
N GLU F 66 -17.65 -32.04 -0.57
CA GLU F 66 -16.89 -32.90 -1.51
C GLU F 66 -17.67 -33.12 -2.88
N GLU F 67 -18.99 -33.10 -2.87
CA GLU F 67 -19.67 -33.34 -4.15
C GLU F 67 -19.37 -32.28 -5.21
N LEU F 68 -19.68 -31.02 -4.88
CA LEU F 68 -19.35 -29.88 -5.74
C LEU F 68 -17.87 -29.88 -6.13
N ALA F 69 -16.97 -30.03 -5.17
CA ALA F 69 -15.56 -30.26 -5.50
C ALA F 69 -15.37 -31.28 -6.67
N HIS F 70 -15.88 -32.52 -6.54
CA HIS F 70 -15.80 -33.57 -7.60
C HIS F 70 -16.38 -33.04 -8.91
N GLU F 71 -17.47 -32.29 -8.82
CA GLU F 71 -18.18 -31.76 -10.01
C GLU F 71 -17.44 -30.61 -10.69
N HIS F 72 -16.56 -29.96 -9.93
CA HIS F 72 -15.80 -28.79 -10.39
C HIS F 72 -14.54 -29.28 -11.03
N TYR F 73 -14.00 -30.35 -10.46
CA TYR F 73 -12.80 -31.00 -10.95
C TYR F 73 -13.08 -32.24 -11.83
N ALA F 74 -14.09 -32.17 -12.68
CA ALA F 74 -14.56 -33.32 -13.46
C ALA F 74 -13.45 -33.80 -14.36
N GLU F 75 -13.05 -32.94 -15.29
CA GLU F 75 -11.89 -33.14 -16.17
C GLU F 75 -10.78 -34.04 -15.58
N HIS F 76 -10.43 -33.85 -14.30
CA HIS F 76 -9.39 -34.66 -13.65
C HIS F 76 -10.02 -35.85 -12.91
N PHE F 82 -5.82 -35.22 -8.35
CA PHE F 82 -7.22 -35.21 -7.93
C PHE F 82 -7.50 -35.50 -6.44
N ASP F 83 -6.71 -36.33 -5.75
CA ASP F 83 -7.05 -36.65 -4.34
C ASP F 83 -6.51 -35.60 -3.36
N GLY F 84 -5.39 -35.01 -3.76
CA GLY F 84 -4.87 -33.83 -3.09
C GLY F 84 -5.80 -32.65 -3.32
N LEU F 85 -6.28 -32.47 -4.54
CA LEU F 85 -7.13 -31.31 -4.86
C LEU F 85 -8.34 -31.22 -3.94
N VAL F 86 -9.26 -32.19 -4.06
CA VAL F 86 -10.46 -32.33 -3.20
C VAL F 86 -10.21 -32.10 -1.70
N SER F 87 -9.19 -32.74 -1.18
CA SER F 87 -8.83 -32.55 0.20
C SER F 87 -8.42 -31.10 0.50
N PHE F 88 -7.71 -30.50 -0.44
CA PHE F 88 -7.34 -29.08 -0.30
C PHE F 88 -8.60 -28.21 -0.40
N ILE F 89 -9.35 -28.21 -1.52
CA ILE F 89 -10.46 -27.24 -1.67
C ILE F 89 -11.64 -27.35 -0.70
N THR F 90 -11.75 -28.46 0.06
CA THR F 90 -12.78 -28.65 1.08
C THR F 90 -12.14 -28.45 2.44
N SER F 91 -10.90 -28.02 2.44
CA SER F 91 -10.11 -27.97 3.68
C SER F 91 -10.51 -26.79 4.52
N GLY F 92 -11.10 -25.77 3.89
CA GLY F 92 -11.53 -24.59 4.59
C GLY F 92 -12.49 -23.82 3.73
N PRO F 93 -12.94 -22.67 4.21
CA PRO F 93 -13.85 -21.87 3.39
C PRO F 93 -13.05 -21.25 2.28
N VAL F 94 -13.76 -21.00 1.19
CA VAL F 94 -13.27 -20.22 0.09
C VAL F 94 -14.08 -18.94 -0.08
N PHE F 95 -13.59 -18.04 -0.88
CA PHE F 95 -14.42 -16.91 -1.28
C PHE F 95 -14.62 -17.05 -2.77
N ALA F 96 -15.84 -17.31 -3.18
CA ALA F 96 -16.13 -17.58 -4.56
C ALA F 96 -16.66 -16.34 -5.16
N MET F 97 -16.20 -16.02 -6.36
CA MET F 97 -16.57 -14.77 -7.04
C MET F 97 -16.90 -14.96 -8.51
N VAL F 98 -17.44 -13.92 -9.12
CA VAL F 98 -17.64 -13.89 -10.56
C VAL F 98 -17.40 -12.46 -10.99
N TRP F 99 -16.44 -12.23 -11.86
CA TRP F 99 -16.22 -10.87 -12.36
C TRP F 99 -16.49 -10.71 -13.85
N GLU F 100 -17.02 -9.53 -14.20
CA GLU F 100 -17.44 -9.18 -15.52
C GLU F 100 -16.52 -8.09 -16.08
N GLY F 101 -16.11 -8.26 -17.34
CA GLY F 101 -15.35 -7.22 -18.03
C GLY F 101 -14.76 -7.72 -19.34
N ALA F 102 -14.19 -6.81 -20.09
CA ALA F 102 -13.67 -7.13 -21.41
C ALA F 102 -12.61 -8.17 -21.22
N ASP F 103 -12.84 -9.35 -21.80
CA ASP F 103 -11.83 -10.37 -21.89
C ASP F 103 -11.46 -10.82 -20.46
N ALA F 104 -12.44 -10.75 -19.53
CA ALA F 104 -12.15 -10.94 -18.10
C ALA F 104 -11.46 -12.25 -17.75
N THR F 105 -11.87 -13.33 -18.40
CA THR F 105 -11.29 -14.69 -18.23
C THR F 105 -9.80 -14.69 -18.45
N ARG F 106 -9.40 -14.22 -19.63
CA ARG F 106 -8.01 -14.06 -19.98
C ARG F 106 -7.30 -13.11 -18.97
N GLN F 107 -7.88 -11.98 -18.62
CA GLN F 107 -7.22 -10.98 -17.79
C GLN F 107 -6.97 -11.45 -16.34
N VAL F 108 -7.89 -12.26 -15.83
CA VAL F 108 -7.79 -12.81 -14.51
C VAL F 108 -6.73 -13.88 -14.54
N ARG F 109 -6.66 -14.62 -15.63
CA ARG F 109 -5.59 -15.61 -15.77
C ARG F 109 -4.23 -14.94 -15.85
N GLN F 110 -4.07 -13.85 -16.61
CA GLN F 110 -2.82 -13.09 -16.63
C GLN F 110 -2.43 -12.50 -15.26
N LEU F 111 -3.44 -11.98 -14.55
CA LEU F 111 -3.21 -11.41 -13.24
C LEU F 111 -2.85 -12.44 -12.18
N MET F 112 -3.38 -13.67 -12.29
CA MET F 112 -3.12 -14.77 -11.36
C MET F 112 -1.72 -15.30 -11.51
N GLY F 113 -1.30 -15.55 -12.72
CA GLY F 113 -0.01 -16.15 -12.94
C GLY F 113 -0.07 -17.65 -13.10
N ALA F 114 1.12 -18.23 -13.26
CA ALA F 114 1.28 -19.64 -13.62
C ALA F 114 0.81 -20.52 -12.49
N THR F 115 0.03 -21.56 -12.82
CA THR F 115 -0.60 -22.46 -11.83
C THR F 115 0.37 -22.85 -10.72
N ASP F 116 1.60 -23.25 -11.07
CA ASP F 116 2.72 -23.42 -10.08
C ASP F 116 3.26 -22.07 -9.70
N ALA F 117 2.95 -21.65 -8.48
CA ALA F 117 3.20 -20.29 -8.10
C ALA F 117 4.67 -20.06 -7.95
N GLN F 118 5.47 -21.14 -7.96
CA GLN F 118 6.92 -21.00 -8.03
C GLN F 118 7.47 -20.54 -9.40
N ASP F 119 6.83 -20.93 -10.49
CA ASP F 119 7.12 -20.36 -11.85
C ASP F 119 6.41 -19.02 -12.15
N ALA F 120 5.61 -18.50 -11.22
CA ALA F 120 4.79 -17.33 -11.53
C ALA F 120 5.62 -16.06 -11.40
N ALA F 121 5.30 -15.08 -12.25
CA ALA F 121 6.09 -13.84 -12.31
C ALA F 121 5.72 -12.92 -11.15
N PRO F 122 6.70 -12.27 -10.53
CA PRO F 122 6.36 -11.25 -9.54
C PRO F 122 5.45 -10.22 -10.19
N GLY F 123 4.44 -9.75 -9.46
CA GLY F 123 3.44 -8.83 -9.96
C GLY F 123 2.14 -9.56 -10.20
N THR F 124 2.18 -10.84 -10.51
CA THR F 124 1.00 -11.68 -10.39
C THR F 124 0.65 -12.12 -8.97
N ILE F 125 -0.62 -12.50 -8.79
CA ILE F 125 -1.08 -12.84 -7.46
C ILE F 125 -0.24 -14.00 -6.88
N ARG F 126 -0.02 -15.02 -7.69
CA ARG F 126 0.78 -16.19 -7.31
C ARG F 126 2.24 -15.89 -7.21
N GLY F 127 2.78 -15.15 -8.14
CA GLY F 127 4.10 -14.57 -7.93
C GLY F 127 4.32 -13.80 -6.62
N ASP F 128 3.37 -12.99 -6.19
CA ASP F 128 3.63 -12.18 -5.01
C ASP F 128 3.29 -12.91 -3.70
N TYR F 129 2.34 -13.85 -3.76
CA TYR F 129 1.80 -14.42 -2.55
C TYR F 129 2.20 -15.93 -2.31
N GLY F 130 2.52 -16.65 -3.39
CA GLY F 130 2.61 -18.11 -3.31
C GLY F 130 3.97 -18.80 -3.47
N ASN F 131 4.11 -19.96 -2.84
CA ASN F 131 5.32 -20.73 -2.97
C ASN F 131 5.15 -22.25 -3.10
N ASP F 132 4.16 -22.66 -3.86
CA ASP F 132 3.70 -24.06 -3.92
C ASP F 132 2.72 -24.16 -5.05
N LEU F 133 2.38 -25.34 -5.53
CA LEU F 133 1.31 -25.39 -6.56
C LEU F 133 0.04 -26.02 -6.10
N GLY F 134 0.11 -26.82 -5.03
CA GLY F 134 -1.11 -27.30 -4.39
C GLY F 134 -1.89 -26.12 -3.81
N HIS F 135 -1.18 -25.36 -3.00
CA HIS F 135 -1.68 -24.16 -2.39
C HIS F 135 -1.33 -22.98 -3.28
N ASN F 136 -2.06 -22.80 -4.36
CA ASN F 136 -1.69 -21.76 -5.30
C ASN F 136 -2.66 -20.54 -5.26
N LEU F 137 -3.33 -20.33 -4.11
CA LEU F 137 -4.06 -19.12 -3.74
C LEU F 137 -5.43 -18.96 -4.37
N ILE F 138 -5.57 -19.33 -5.63
CA ILE F 138 -6.75 -18.89 -6.36
C ILE F 138 -6.93 -19.64 -7.60
N HIS F 139 -8.17 -19.64 -8.06
CA HIS F 139 -8.56 -20.25 -9.28
C HIS F 139 -9.38 -19.25 -10.07
N GLY F 140 -9.12 -19.18 -11.37
CA GLY F 140 -9.95 -18.54 -12.33
C GLY F 140 -10.21 -19.43 -13.53
N SER F 141 -11.36 -19.32 -14.11
CA SER F 141 -11.69 -20.15 -15.24
C SER F 141 -10.65 -20.04 -16.40
N ASP F 142 -10.29 -21.21 -16.98
CA ASP F 142 -9.44 -21.30 -18.15
C ASP F 142 -10.14 -20.69 -19.35
N HIS F 143 -9.52 -19.68 -19.95
CA HIS F 143 -10.02 -19.00 -21.15
C HIS F 143 -9.87 -19.84 -22.46
N GLU F 144 -8.97 -20.83 -22.44
CA GLU F 144 -8.75 -21.70 -23.62
C GLU F 144 -9.60 -22.95 -23.69
N ASP F 145 -10.06 -23.36 -22.52
CA ASP F 145 -11.04 -24.42 -22.36
C ASP F 145 -12.38 -23.72 -22.58
N GLU F 146 -12.93 -23.72 -23.80
CA GLU F 146 -14.12 -22.91 -24.10
C GLU F 146 -15.34 -23.35 -23.29
N GLY F 147 -16.20 -22.39 -22.97
CA GLY F 147 -17.38 -22.63 -22.14
C GLY F 147 -17.08 -22.85 -20.65
N ALA F 148 -15.81 -23.04 -20.27
CA ALA F 148 -15.49 -23.32 -18.86
C ALA F 148 -15.95 -22.17 -17.94
N ASN F 149 -15.76 -20.91 -18.37
CA ASN F 149 -16.20 -19.77 -17.59
C ASN F 149 -17.68 -19.90 -17.26
N GLU F 150 -18.51 -20.08 -18.26
CA GLU F 150 -19.95 -20.07 -18.04
C GLU F 150 -20.38 -21.29 -17.23
N ARG F 151 -19.60 -22.34 -17.30
CA ARG F 151 -19.89 -23.57 -16.54
C ARG F 151 -19.60 -23.46 -15.11
N GLU F 152 -18.40 -23.00 -14.76
CA GLU F 152 -17.96 -22.99 -13.33
C GLU F 152 -18.84 -21.98 -12.58
N ILE F 153 -19.15 -20.85 -13.22
CA ILE F 153 -20.08 -19.85 -12.70
C ILE F 153 -21.39 -20.51 -12.34
N ALA F 154 -22.00 -21.08 -13.37
CA ALA F 154 -23.34 -21.71 -13.36
C ALA F 154 -23.39 -22.85 -12.40
N LEU F 155 -22.23 -23.40 -12.09
CA LEU F 155 -22.08 -24.40 -11.04
C LEU F 155 -22.08 -23.81 -9.62
N PHE F 156 -21.25 -22.80 -9.38
CA PHE F 156 -20.98 -22.30 -8.02
C PHE F 156 -21.97 -21.27 -7.59
N PHE F 157 -22.66 -20.64 -8.54
CA PHE F 157 -23.67 -19.63 -8.22
C PHE F 157 -24.96 -20.07 -8.83
N ASP F 158 -26.09 -19.87 -8.13
CA ASP F 158 -27.41 -19.93 -8.73
C ASP F 158 -27.48 -18.61 -9.47
N ASP F 159 -28.32 -18.49 -10.48
CA ASP F 159 -28.38 -17.25 -11.29
C ASP F 159 -28.89 -16.02 -10.55
N ASP F 160 -29.50 -16.24 -9.39
CA ASP F 160 -30.21 -15.21 -8.61
C ASP F 160 -29.20 -14.46 -7.78
N GLU F 161 -28.07 -15.11 -7.48
CA GLU F 161 -26.98 -14.52 -6.70
C GLU F 161 -26.03 -13.67 -7.55
N LEU F 162 -26.34 -13.47 -8.84
CA LEU F 162 -25.47 -12.72 -9.74
C LEU F 162 -26.12 -11.43 -10.01
N VAL F 163 -25.39 -10.35 -9.75
CA VAL F 163 -25.98 -9.03 -9.66
C VAL F 163 -25.69 -8.26 -10.92
N ASP F 164 -26.71 -7.60 -11.43
CA ASP F 164 -26.57 -6.90 -12.70
C ASP F 164 -26.75 -5.37 -12.47
N TRP F 165 -25.62 -4.69 -12.50
CA TRP F 165 -25.51 -3.29 -12.14
C TRP F 165 -24.54 -2.58 -13.07
N ASP F 166 -24.62 -1.28 -13.05
CA ASP F 166 -23.75 -0.47 -13.86
C ASP F 166 -22.85 0.30 -12.92
N ARG F 167 -21.58 -0.07 -12.95
CA ARG F 167 -20.49 0.66 -12.33
C ARG F 167 -20.09 1.87 -13.15
N ASP F 168 -20.40 3.07 -12.67
CA ASP F 168 -20.11 4.30 -13.42
C ASP F 168 -18.67 4.42 -13.81
N ALA F 169 -17.78 3.85 -13.00
CA ALA F 169 -16.37 3.90 -13.25
C ALA F 169 -15.94 3.20 -14.54
N SER F 170 -16.83 2.37 -15.09
CA SER F 170 -16.59 1.64 -16.33
C SER F 170 -16.60 2.55 -17.53
N ALA F 171 -17.31 3.67 -17.46
CA ALA F 171 -17.25 4.70 -18.52
C ALA F 171 -15.83 5.25 -18.78
N TRP F 172 -14.96 5.06 -17.79
CA TRP F 172 -13.54 5.45 -17.83
C TRP F 172 -12.60 4.27 -17.93
N VAL F 173 -13.06 3.11 -17.50
CA VAL F 173 -12.29 1.89 -17.74
C VAL F 173 -12.19 1.56 -19.24
N TYR F 174 -13.33 1.74 -19.91
CA TYR F 174 -13.50 1.30 -21.29
C TYR F 174 -14.05 2.34 -22.27
N GLU F 175 -13.33 2.52 -23.37
CA GLU F 175 -13.63 3.47 -24.43
C GLU F 175 -15.02 3.37 -25.05
N ASP F 176 -15.48 2.16 -25.35
CA ASP F 176 -16.78 1.94 -26.02
C ASP F 176 -17.94 2.14 -25.02
N LEU F 177 -17.63 1.98 -23.73
CA LEU F 177 -18.58 2.29 -22.66
C LEU F 177 -18.57 3.76 -22.26
N ALA F 178 -17.59 4.53 -22.75
CA ALA F 178 -17.58 5.99 -22.51
C ALA F 178 -18.90 6.62 -22.96
CA CA G . 0.08 33.18 5.33
CA CA H . -31.84 -15.06 7.96
CA CA I . -34.57 -16.99 5.93
CA CA J . 6.77 24.81 -24.75
CA CA K . 5.79 28.65 -25.06
#